data_3D7R
#
_entry.id   3D7R
#
_cell.length_a   41.888
_cell.length_b   46.412
_cell.length_c   91.688
_cell.angle_alpha   80.820
_cell.angle_beta   89.970
_cell.angle_gamma   69.510
#
_symmetry.space_group_name_H-M   'P 1'
#
loop_
_entity.id
_entity.type
_entity.pdbx_description
1 polymer Esterase
2 non-polymer 'BROMIDE ION'
3 non-polymer 'CHLORIDE ION'
4 non-polymer 'SODIUM ION'
5 non-polymer 'DIMETHYL SULFOXIDE'
6 non-polymer GLYCEROL
7 water water
#
_entity_poly.entity_id   1
_entity_poly.type   'polypeptide(L)'
_entity_poly.pdbx_seq_one_letter_code
;(MSE)GSSHHHHHHSSGLVPRGSH(MSE)IRNRV(MSE)NSVVNKYLLHNRSI(MSE)FKNDQDVERFFYKREIENRKKH
KQPSTLNVKANLEKLSLDD(MSE)QVFRFNFRHQIDKKILYIHGGFNALQPSPFHWRLLDKITLSTLYEVVLPIYPKTPE
FHIDDTFQAIQRVYDQLVSEVGHQNVVV(MSE)GDGSGGALALSFVQSLLDNQQPLPNKLYLISPILDATLSNKDISDAL
IEQDAVLSQFGVNEI(MSE)KKWANGLPLTDKRISPINGTIEGLPPVY(MSE)FGGGRE(MSE)THPD(MSE)KLFEQ
(MSE)(MSE)LQHHQYIEFYDYPK(MSE)VHDFPIYPIRQSHKAIKQIAKSIDEDVTQNN
;
_entity_poly.pdbx_strand_id   A,B
#
loop_
_chem_comp.id
_chem_comp.type
_chem_comp.name
_chem_comp.formula
BR non-polymer 'BROMIDE ION' 'Br -1'
CL non-polymer 'CHLORIDE ION' 'Cl -1'
DMS non-polymer 'DIMETHYL SULFOXIDE' 'C2 H6 O S'
GOL non-polymer GLYCEROL 'C3 H8 O3'
NA non-polymer 'SODIUM ION' 'Na 1'
#
# COMPACT_ATOMS: atom_id res chain seq x y z
N SER A 29 14.26 11.15 29.65
CA SER A 29 14.04 11.63 28.26
C SER A 29 13.43 13.04 28.28
N VAL A 30 13.83 13.88 27.32
CA VAL A 30 13.25 15.21 27.17
C VAL A 30 11.72 15.18 26.94
N VAL A 31 11.25 14.17 26.20
CA VAL A 31 9.82 14.04 25.86
C VAL A 31 9.01 13.86 27.15
N ASN A 32 9.49 12.97 28.01
CA ASN A 32 8.81 12.70 29.26
C ASN A 32 8.92 13.81 30.28
N LYS A 33 10.06 14.50 30.30
CA LYS A 33 10.30 15.62 31.22
C LYS A 33 9.31 16.76 30.98
N TYR A 34 9.01 17.02 29.72
CA TYR A 34 8.12 18.12 29.34
C TYR A 34 6.77 17.67 28.77
N LEU A 35 6.39 16.43 29.07
CA LEU A 35 5.18 15.80 28.53
C LEU A 35 3.91 16.59 28.82
N LEU A 36 3.10 16.79 27.78
CA LEU A 36 1.73 17.23 27.97
C LEU A 36 0.79 16.14 27.45
N HIS A 37 0.06 15.51 28.37
CA HIS A 37 -0.87 14.44 28.03
C HIS A 37 -1.93 14.91 27.02
N ASN A 38 -2.37 16.15 27.16
CA ASN A 38 -3.40 16.70 26.26
C ASN A 38 -2.90 16.97 24.83
N ARG A 39 -1.63 16.65 24.57
CA ARG A 39 -1.11 16.77 23.21
C ARG A 39 -0.71 15.39 22.65
N SER A 40 -0.90 14.34 23.44
CA SER A 40 -0.46 13.03 23.00
C SER A 40 -1.39 12.48 21.92
N ILE A 41 -0.80 11.89 20.90
CA ILE A 41 -1.57 11.22 19.85
C ILE A 41 -1.29 9.71 19.88
N MSE A 42 -0.82 9.22 21.04
CA MSE A 42 -0.50 7.80 21.18
C MSE A 42 -1.79 7.03 21.46
O MSE A 42 -1.93 6.42 22.52
CB MSE A 42 0.49 7.59 22.34
CG MSE A 42 1.85 8.24 22.12
SE MSE A 42 2.60 7.84 20.35
CE MSE A 42 4.46 8.02 20.81
N PHE A 43 -2.72 7.04 20.50
CA PHE A 43 -4.05 6.43 20.74
C PHE A 43 -3.99 4.92 20.74
N LYS A 44 -4.73 4.29 21.65
CA LYS A 44 -4.72 2.81 21.76
C LYS A 44 -5.62 2.16 20.72
N ASN A 45 -6.69 2.86 20.38
CA ASN A 45 -7.81 2.27 19.64
C ASN A 45 -8.78 3.35 19.11
N ASP A 46 -9.87 2.91 18.48
CA ASP A 46 -10.83 3.83 17.90
C ASP A 46 -11.48 4.71 18.98
N GLN A 47 -11.67 4.12 20.15
CA GLN A 47 -12.34 4.78 21.25
C GLN A 47 -11.52 6.00 21.73
N ASP A 48 -10.20 5.85 21.85
CA ASP A 48 -9.29 6.96 22.14
C ASP A 48 -9.35 8.04 21.07
N VAL A 49 -9.45 7.62 19.81
CA VAL A 49 -9.55 8.56 18.68
C VAL A 49 -10.83 9.40 18.77
N GLU A 50 -11.95 8.74 19.01
CA GLU A 50 -13.25 9.41 19.17
C GLU A 50 -13.21 10.42 20.32
N ARG A 51 -12.69 10.00 21.47
CA ARG A 51 -12.57 10.88 22.65
C ARG A 51 -11.70 12.11 22.37
N PHE A 52 -10.60 11.91 21.65
CA PHE A 52 -9.74 12.99 21.19
C PHE A 52 -10.51 13.98 20.30
N PHE A 53 -11.19 13.48 19.26
CA PHE A 53 -11.98 14.35 18.38
C PHE A 53 -13.06 15.11 19.14
N TYR A 54 -13.76 14.42 20.03
CA TYR A 54 -14.75 15.07 20.90
C TYR A 54 -14.13 16.26 21.67
N LYS A 55 -13.03 15.99 22.36
CA LYS A 55 -12.29 17.03 23.10
C LYS A 55 -11.82 18.18 22.19
N ARG A 56 -11.23 17.84 21.04
CA ARG A 56 -10.65 18.88 20.17
C ARG A 56 -11.74 19.76 19.56
N GLU A 57 -12.88 19.18 19.20
CA GLU A 57 -13.97 20.00 18.66
C GLU A 57 -14.29 21.17 19.61
N ILE A 58 -14.40 20.85 20.89
CA ILE A 58 -14.76 21.80 21.96
C ILE A 58 -13.63 22.79 22.24
N GLU A 59 -12.41 22.26 22.38
CA GLU A 59 -11.26 23.09 22.71
C GLU A 59 -10.91 24.04 21.57
N ASN A 60 -11.03 23.56 20.33
CA ASN A 60 -10.61 24.38 19.19
C ASN A 60 -11.48 25.61 18.94
N ARG A 61 -12.73 25.58 19.42
CA ARG A 61 -13.65 26.73 19.23
C ARG A 61 -13.31 27.90 20.14
N LYS A 62 -12.61 27.60 21.24
CA LYS A 62 -12.28 28.63 22.24
C LYS A 62 -11.21 29.59 21.71
N LYS A 63 -11.26 30.84 22.13
CA LYS A 63 -10.22 31.77 21.74
C LYS A 63 -8.88 31.29 22.29
N HIS A 64 -7.88 31.22 21.43
CA HIS A 64 -6.56 30.81 21.86
C HIS A 64 -5.87 31.96 22.60
N LYS A 65 -5.23 31.66 23.72
CA LYS A 65 -4.64 32.67 24.59
C LYS A 65 -3.17 32.37 24.86
N GLN A 66 -2.34 33.41 25.00
CA GLN A 66 -0.96 33.17 25.47
C GLN A 66 -0.96 32.43 26.82
N PRO A 67 0.06 31.58 27.07
CA PRO A 67 0.11 30.91 28.37
C PRO A 67 0.15 31.95 29.49
N SER A 68 -0.63 31.73 30.55
CA SER A 68 -0.73 32.70 31.65
C SER A 68 0.59 32.94 32.40
N THR A 69 1.51 31.98 32.35
CA THR A 69 2.73 32.08 33.16
C THR A 69 3.96 32.50 32.33
N LEU A 70 3.80 32.52 31.01
CA LEU A 70 4.93 32.78 30.12
C LEU A 70 5.22 34.26 29.93
N ASN A 71 6.45 34.66 30.24
CA ASN A 71 6.93 36.01 29.91
C ASN A 71 7.35 36.00 28.45
N VAL A 72 6.57 36.67 27.60
CA VAL A 72 6.93 36.83 26.19
C VAL A 72 7.81 38.09 26.07
N LYS A 73 9.04 37.91 25.59
CA LYS A 73 9.98 39.00 25.58
C LYS A 73 9.74 39.92 24.40
N ALA A 74 9.31 39.35 23.27
CA ALA A 74 8.99 40.19 22.12
C ALA A 74 7.72 40.96 22.42
N ASN A 75 7.51 42.06 21.71
CA ASN A 75 6.21 42.74 21.75
C ASN A 75 5.19 41.93 20.97
N LEU A 76 3.98 41.84 21.52
CA LEU A 76 2.93 40.96 20.97
C LEU A 76 1.73 41.74 20.44
N GLU A 77 1.31 41.44 19.22
CA GLU A 77 0.12 42.05 18.63
C GLU A 77 -0.97 41.00 18.54
N LYS A 78 -2.13 41.27 19.12
CA LYS A 78 -3.17 40.26 19.12
C LYS A 78 -4.22 40.69 18.11
N LEU A 79 -4.10 40.19 16.88
CA LEU A 79 -4.91 40.67 15.77
C LEU A 79 -5.91 39.63 15.28
N SER A 80 -6.74 40.02 14.31
CA SER A 80 -7.61 39.08 13.65
C SER A 80 -7.66 39.37 12.16
N LEU A 81 -7.97 38.34 11.39
CA LEU A 81 -8.16 38.47 9.95
C LEU A 81 -9.39 37.65 9.62
N ASP A 82 -10.47 38.35 9.28
CA ASP A 82 -11.74 37.67 9.00
C ASP A 82 -12.16 36.74 10.14
N ASP A 83 -12.11 37.23 11.38
CA ASP A 83 -12.46 36.40 12.55
C ASP A 83 -11.45 35.32 12.96
N MSE A 84 -10.42 35.05 12.15
CA MSE A 84 -9.32 34.19 12.58
C MSE A 84 -8.35 34.97 13.46
O MSE A 84 -7.95 36.07 13.09
CB MSE A 84 -8.55 33.65 11.36
CG MSE A 84 -7.26 32.88 11.71
SE MSE A 84 -6.39 32.00 10.20
CE MSE A 84 -5.83 33.55 9.16
N GLN A 85 -7.95 34.42 14.61
CA GLN A 85 -6.91 35.02 15.43
C GLN A 85 -5.55 34.97 14.73
N VAL A 86 -4.86 36.11 14.68
CA VAL A 86 -3.46 36.16 14.22
C VAL A 86 -2.64 36.90 15.26
N PHE A 87 -1.63 36.23 15.81
CA PHE A 87 -0.68 36.89 16.73
C PHE A 87 0.55 37.31 15.96
N ARG A 88 1.10 38.49 16.27
CA ARG A 88 2.38 38.89 15.71
C ARG A 88 3.35 39.18 16.83
N PHE A 89 4.58 38.69 16.69
CA PHE A 89 5.65 38.97 17.61
C PHE A 89 6.66 39.84 16.88
N ASN A 90 7.10 40.91 17.53
CA ASN A 90 8.25 41.63 17.01
C ASN A 90 9.12 42.16 18.14
N PHE A 91 10.37 42.44 17.82
CA PHE A 91 11.36 42.85 18.82
C PHE A 91 12.11 44.08 18.30
N ARG A 92 12.32 45.06 19.17
CA ARG A 92 13.04 46.29 18.81
C ARG A 92 12.46 46.98 17.56
N HIS A 93 11.13 46.93 17.41
CA HIS A 93 10.43 47.56 16.28
C HIS A 93 10.84 47.00 14.90
N GLN A 94 11.37 45.77 14.86
CA GLN A 94 11.81 45.21 13.58
C GLN A 94 10.68 44.47 12.88
N ILE A 95 10.14 45.08 11.82
CA ILE A 95 8.94 44.56 11.17
C ILE A 95 9.00 44.57 9.63
N ASP A 96 10.11 45.03 9.05
CA ASP A 96 10.25 45.08 7.60
C ASP A 96 10.31 43.71 6.94
N LYS A 97 10.56 42.67 7.74
CA LYS A 97 10.62 41.30 7.24
C LYS A 97 9.72 40.41 8.11
N LYS A 98 9.04 39.45 7.47
CA LYS A 98 8.09 38.60 8.18
C LYS A 98 8.44 37.11 8.07
N ILE A 99 8.15 36.37 9.15
CA ILE A 99 8.08 34.90 9.10
C ILE A 99 6.61 34.51 9.30
N LEU A 100 6.02 33.89 8.29
CA LEU A 100 4.70 33.30 8.44
C LEU A 100 4.90 31.94 9.09
N TYR A 101 4.50 31.81 10.35
CA TYR A 101 4.77 30.57 11.08
C TYR A 101 3.55 29.67 11.17
N ILE A 102 3.66 28.45 10.64
CA ILE A 102 2.56 27.48 10.64
C ILE A 102 2.83 26.40 11.70
N HIS A 103 2.11 26.47 12.82
CA HIS A 103 2.44 25.68 13.99
C HIS A 103 2.04 24.20 13.85
N GLY A 104 2.81 23.31 14.48
CA GLY A 104 2.46 21.88 14.48
C GLY A 104 1.26 21.53 15.39
N GLY A 105 0.81 20.28 15.31
CA GLY A 105 -0.30 19.84 16.17
C GLY A 105 -1.28 18.97 15.40
N PHE A 106 -0.84 18.49 14.25
CA PHE A 106 -1.59 17.53 13.41
C PHE A 106 -2.90 18.05 12.84
N ASN A 107 -3.05 19.37 12.80
CA ASN A 107 -4.28 20.06 12.34
C ASN A 107 -5.46 19.81 13.26
N ALA A 108 -5.15 19.45 14.51
CA ALA A 108 -6.16 19.14 15.53
C ALA A 108 -5.88 19.88 16.84
N LEU A 109 -4.59 20.06 17.15
CA LEU A 109 -4.14 20.78 18.34
C LEU A 109 -3.83 22.24 18.04
N GLN A 110 -4.06 23.10 19.02
CA GLN A 110 -3.68 24.50 18.94
C GLN A 110 -2.21 24.61 19.34
N PRO A 111 -1.61 25.83 19.24
CA PRO A 111 -0.22 25.95 19.65
C PRO A 111 0.03 25.55 21.11
N SER A 112 1.15 24.88 21.31
CA SER A 112 1.68 24.52 22.61
C SER A 112 2.20 25.77 23.28
N PRO A 113 2.23 25.80 24.63
CA PRO A 113 2.94 26.89 25.30
C PRO A 113 4.43 26.94 24.90
N PHE A 114 4.99 25.79 24.53
CA PHE A 114 6.37 25.70 24.04
C PHE A 114 6.50 26.28 22.63
N HIS A 115 5.42 26.29 21.87
CA HIS A 115 5.40 26.99 20.58
C HIS A 115 5.50 28.49 20.82
N TRP A 116 4.77 29.00 21.82
CA TRP A 116 4.85 30.42 22.15
C TRP A 116 6.30 30.79 22.46
N ARG A 117 6.93 29.93 23.25
CA ARG A 117 8.30 30.19 23.68
C ARG A 117 9.30 30.12 22.53
N LEU A 118 9.14 29.13 21.65
CA LEU A 118 9.99 28.99 20.47
C LEU A 118 9.89 30.22 19.56
N LEU A 119 8.66 30.64 19.28
CA LEU A 119 8.43 31.79 18.41
C LEU A 119 9.02 33.09 18.98
N ASP A 120 8.87 33.27 20.27
CA ASP A 120 9.50 34.39 20.96
C ASP A 120 11.02 34.40 20.70
N LYS A 121 11.67 33.25 20.93
CA LYS A 121 13.11 33.11 20.69
C LYS A 121 13.51 33.40 19.24
N ILE A 122 12.74 32.87 18.29
CA ILE A 122 13.05 33.08 16.87
C ILE A 122 12.92 34.57 16.53
N THR A 123 11.88 35.22 17.06
CA THR A 123 11.71 36.66 16.86
C THR A 123 12.95 37.42 17.32
N LEU A 124 13.39 37.13 18.54
CA LEU A 124 14.53 37.83 19.12
C LEU A 124 15.85 37.52 18.41
N SER A 125 15.98 36.29 17.88
CA SER A 125 17.20 35.91 17.13
C SER A 125 17.27 36.41 15.69
N THR A 126 16.15 36.36 14.99
CA THR A 126 16.12 36.72 13.57
C THR A 126 15.84 38.21 13.35
N LEU A 127 15.14 38.82 14.30
CA LEU A 127 14.58 40.17 14.13
C LEU A 127 13.68 40.30 12.91
N TYR A 128 13.00 39.21 12.55
CA TYR A 128 11.82 39.25 11.71
C TYR A 128 10.59 39.35 12.61
N GLU A 129 9.49 39.90 12.08
CA GLU A 129 8.22 39.80 12.76
C GLU A 129 7.63 38.42 12.50
N VAL A 130 7.35 37.68 13.57
CA VAL A 130 6.81 36.32 13.43
C VAL A 130 5.29 36.39 13.50
N VAL A 131 4.64 35.80 12.49
CA VAL A 131 3.18 35.88 12.38
C VAL A 131 2.59 34.48 12.59
N LEU A 132 1.74 34.38 13.62
CA LEU A 132 1.15 33.11 14.05
C LEU A 132 -0.36 33.11 13.84
N PRO A 133 -0.83 32.64 12.67
CA PRO A 133 -2.28 32.43 12.44
C PRO A 133 -2.83 31.18 13.14
N ILE A 134 -3.95 31.33 13.84
CA ILE A 134 -4.62 30.18 14.46
C ILE A 134 -5.60 29.64 13.40
N TYR A 135 -5.07 28.86 12.45
CA TYR A 135 -5.79 28.42 11.25
C TYR A 135 -6.82 27.36 11.62
N PRO A 136 -7.89 27.20 10.81
CA PRO A 136 -8.94 26.22 11.12
C PRO A 136 -8.40 24.80 11.37
N LYS A 137 -8.96 24.17 12.40
CA LYS A 137 -8.54 22.85 12.85
C LYS A 137 -9.63 21.82 12.68
N THR A 138 -9.19 20.58 12.46
CA THR A 138 -10.06 19.44 12.55
C THR A 138 -10.30 19.12 14.05
N PRO A 139 -11.38 18.39 14.39
CA PRO A 139 -12.31 17.68 13.50
C PRO A 139 -13.40 18.52 12.85
N GLU A 140 -13.61 19.76 13.28
CA GLU A 140 -14.70 20.56 12.69
C GLU A 140 -14.39 21.05 11.26
N PHE A 141 -13.16 21.49 11.07
CA PHE A 141 -12.74 21.98 9.76
C PHE A 141 -11.77 21.05 9.05
N HIS A 142 -11.57 21.30 7.76
CA HIS A 142 -10.91 20.35 6.90
C HIS A 142 -9.86 21.03 6.03
N ILE A 143 -9.16 20.22 5.26
CA ILE A 143 -8.05 20.69 4.44
C ILE A 143 -8.29 22.05 3.71
N ASP A 144 -9.40 22.20 2.99
CA ASP A 144 -9.60 23.45 2.22
C ASP A 144 -9.76 24.68 3.09
N ASP A 145 -10.41 24.52 4.24
CA ASP A 145 -10.56 25.59 5.23
C ASP A 145 -9.18 26.05 5.70
N THR A 146 -8.34 25.07 5.99
CA THR A 146 -7.02 25.32 6.55
C THR A 146 -6.17 26.08 5.54
N PHE A 147 -6.12 25.57 4.31
CA PHE A 147 -5.30 26.20 3.28
C PHE A 147 -5.80 27.58 2.82
N GLN A 148 -7.12 27.77 2.75
CA GLN A 148 -7.65 29.08 2.36
C GLN A 148 -7.27 30.16 3.38
N ALA A 149 -7.30 29.78 4.66
CA ALA A 149 -6.91 30.71 5.72
C ALA A 149 -5.44 31.09 5.63
N ILE A 150 -4.57 30.12 5.40
CA ILE A 150 -3.13 30.41 5.27
C ILE A 150 -2.87 31.34 4.07
N GLN A 151 -3.53 31.08 2.94
CA GLN A 151 -3.51 31.97 1.78
C GLN A 151 -3.86 33.42 2.14
N ARG A 152 -4.94 33.60 2.91
CA ARG A 152 -5.39 34.93 3.26
C ARG A 152 -4.34 35.68 4.08
N VAL A 153 -3.74 35.02 5.09
CA VAL A 153 -2.71 35.71 5.89
C VAL A 153 -1.45 35.95 5.06
N TYR A 154 -1.07 34.98 4.23
CA TYR A 154 0.08 35.16 3.33
C TYR A 154 -0.12 36.37 2.43
N ASP A 155 -1.28 36.48 1.82
CA ASP A 155 -1.62 37.61 0.97
C ASP A 155 -1.52 38.94 1.72
N GLN A 156 -2.08 38.97 2.94
CA GLN A 156 -1.95 40.13 3.84
C GLN A 156 -0.49 40.57 4.01
N LEU A 157 0.39 39.66 4.41
CA LEU A 157 1.83 39.95 4.61
C LEU A 157 2.55 40.42 3.33
N VAL A 158 2.31 39.74 2.21
CA VAL A 158 2.89 40.16 0.93
C VAL A 158 2.47 41.61 0.57
N SER A 159 1.23 41.97 0.87
CA SER A 159 0.72 43.28 0.53
C SER A 159 1.44 44.31 1.40
N GLU A 160 1.91 43.88 2.57
CA GLU A 160 2.60 44.78 3.48
C GLU A 160 4.07 45.04 3.09
N VAL A 161 4.81 43.99 2.76
CA VAL A 161 6.26 44.16 2.64
C VAL A 161 6.86 43.58 1.38
N GLY A 162 6.01 42.97 0.54
CA GLY A 162 6.46 42.29 -0.68
C GLY A 162 6.87 40.85 -0.38
N HIS A 163 6.71 39.97 -1.37
CA HIS A 163 6.98 38.52 -1.19
C HIS A 163 8.44 38.22 -0.87
N GLN A 164 9.35 39.04 -1.37
CA GLN A 164 10.78 38.87 -1.14
C GLN A 164 11.15 39.09 0.36
N ASN A 165 10.23 39.67 1.12
CA ASN A 165 10.47 39.99 2.54
C ASN A 165 9.64 39.08 3.45
N VAL A 166 9.11 38.00 2.87
CA VAL A 166 8.34 37.03 3.64
C VAL A 166 9.04 35.68 3.55
N VAL A 167 9.19 35.05 4.70
CA VAL A 167 9.72 33.70 4.79
C VAL A 167 8.58 32.85 5.35
N VAL A 168 8.44 31.61 4.89
CA VAL A 168 7.43 30.70 5.42
C VAL A 168 8.15 29.63 6.26
N MSE A 169 7.60 29.32 7.43
CA MSE A 169 8.21 28.35 8.34
C MSE A 169 7.10 27.54 9.02
O MSE A 169 6.01 28.06 9.24
CB MSE A 169 8.99 29.12 9.41
CG MSE A 169 9.74 28.25 10.40
SE MSE A 169 10.84 29.35 11.61
CE MSE A 169 11.86 30.35 10.30
N GLY A 170 7.37 26.29 9.34
CA GLY A 170 6.41 25.47 10.08
C GLY A 170 7.08 24.25 10.68
N ASP A 171 6.46 23.66 11.69
CA ASP A 171 7.02 22.51 12.38
C ASP A 171 6.00 21.39 12.40
N GLY A 172 6.47 20.14 12.33
CA GLY A 172 5.58 18.98 12.39
C GLY A 172 4.61 18.93 11.21
N SER A 173 3.35 18.68 11.50
CA SER A 173 2.31 18.80 10.50
C SER A 173 2.30 20.20 9.91
N GLY A 174 2.75 21.19 10.67
CA GLY A 174 2.87 22.58 10.21
C GLY A 174 3.94 22.75 9.14
N GLY A 175 4.97 21.91 9.22
CA GLY A 175 6.01 21.88 8.19
C GLY A 175 5.44 21.30 6.91
N ALA A 176 4.62 20.26 7.03
CA ALA A 176 3.86 19.74 5.88
C ALA A 176 2.96 20.81 5.28
N LEU A 177 2.21 21.51 6.11
CA LEU A 177 1.33 22.60 5.64
C LEU A 177 2.14 23.69 4.94
N ALA A 178 3.26 24.07 5.53
CA ALA A 178 4.13 25.10 4.96
C ALA A 178 4.64 24.70 3.58
N LEU A 179 5.21 23.50 3.44
CA LEU A 179 5.67 23.04 2.13
C LEU A 179 4.52 22.93 1.11
N SER A 180 3.44 22.26 1.50
CA SER A 180 2.27 22.13 0.63
C SER A 180 1.71 23.51 0.20
N PHE A 181 1.69 24.47 1.12
CA PHE A 181 1.22 25.81 0.80
C PHE A 181 2.13 26.53 -0.21
N VAL A 182 3.44 26.42 -0.04
CA VAL A 182 4.38 27.05 -1.00
C VAL A 182 4.27 26.35 -2.37
N GLN A 183 4.05 25.04 -2.36
CA GLN A 183 3.81 24.28 -3.58
C GLN A 183 2.54 24.76 -4.28
N SER A 184 1.50 25.06 -3.51
CA SER A 184 0.29 25.69 -4.03
C SER A 184 0.56 27.04 -4.70
N LEU A 185 1.33 27.89 -4.03
CA LEU A 185 1.74 29.18 -4.61
C LEU A 185 2.46 28.97 -5.94
N LEU A 186 3.43 28.05 -5.95
CA LEU A 186 4.20 27.69 -7.14
C LEU A 186 3.31 27.16 -8.30
N ASP A 187 2.43 26.21 -8.01
CA ASP A 187 1.49 25.66 -8.99
C ASP A 187 0.54 26.74 -9.53
N ASN A 188 0.26 27.73 -8.70
CA ASN A 188 -0.67 28.81 -9.04
C ASN A 188 -0.01 30.13 -9.52
N GLN A 189 1.30 30.06 -9.82
CA GLN A 189 2.09 31.22 -10.25
C GLN A 189 2.05 32.43 -9.29
N GLN A 190 1.87 32.19 -8.00
CA GLN A 190 1.80 33.26 -7.02
C GLN A 190 3.20 33.69 -6.61
N PRO A 191 3.42 34.98 -6.29
CA PRO A 191 4.71 35.35 -5.74
C PRO A 191 5.12 34.45 -4.56
N LEU A 192 6.36 33.95 -4.59
CA LEU A 192 6.85 32.97 -3.62
C LEU A 192 7.61 33.65 -2.47
N PRO A 193 7.64 33.04 -1.28
CA PRO A 193 8.43 33.60 -0.17
C PRO A 193 9.92 33.50 -0.50
N ASN A 194 10.73 34.33 0.13
CA ASN A 194 12.17 34.34 -0.11
C ASN A 194 12.81 32.99 0.28
N LYS A 195 12.28 32.38 1.34
CA LYS A 195 12.82 31.11 1.83
C LYS A 195 11.73 30.29 2.47
N LEU A 196 11.95 28.98 2.56
CA LEU A 196 11.00 28.05 3.24
C LEU A 196 11.72 27.23 4.30
N TYR A 197 11.23 27.28 5.55
CA TYR A 197 11.87 26.57 6.68
C TYR A 197 10.96 25.45 7.14
N LEU A 198 11.52 24.25 7.28
CA LEU A 198 10.75 23.08 7.69
C LEU A 198 11.38 22.48 8.93
N ILE A 199 10.62 22.40 10.02
CA ILE A 199 11.12 21.80 11.26
C ILE A 199 10.39 20.47 11.52
N SER A 200 11.13 19.36 11.47
CA SER A 200 10.52 18.04 11.62
C SER A 200 9.21 17.89 10.83
N PRO A 201 9.25 18.19 9.50
CA PRO A 201 8.00 18.16 8.74
C PRO A 201 7.51 16.72 8.62
N ILE A 202 6.19 16.53 8.69
CA ILE A 202 5.61 15.22 8.44
C ILE A 202 5.29 15.18 6.93
N LEU A 203 6.31 14.85 6.14
CA LEU A 203 6.22 14.94 4.68
C LEU A 203 5.28 13.96 4.00
N ASP A 204 5.08 12.80 4.64
CA ASP A 204 4.19 11.77 4.10
C ASP A 204 3.26 11.40 5.26
N ALA A 205 1.98 11.75 5.14
CA ALA A 205 1.02 11.53 6.23
C ALA A 205 0.68 10.06 6.49
N THR A 206 1.01 9.17 5.55
CA THR A 206 0.76 7.74 5.72
C THR A 206 1.77 7.10 6.66
N LEU A 207 2.96 7.69 6.73
CA LEU A 207 4.09 7.16 7.52
C LEU A 207 4.31 5.66 7.23
N SER A 208 4.25 5.33 5.94
CA SER A 208 4.32 3.95 5.46
C SER A 208 5.67 3.65 4.78
N ASN A 209 6.57 4.64 4.73
CA ASN A 209 7.90 4.46 4.14
C ASN A 209 8.53 3.17 4.65
N LYS A 210 8.88 2.26 3.76
CA LYS A 210 9.37 0.94 4.19
C LYS A 210 10.74 1.05 4.91
N ASP A 211 11.40 2.20 4.79
CA ASP A 211 12.67 2.41 5.47
C ASP A 211 12.50 2.81 6.93
N ILE A 212 11.25 2.98 7.37
CA ILE A 212 10.97 3.16 8.79
C ILE A 212 11.03 1.79 9.50
N SER A 213 12.10 1.56 10.24
CA SER A 213 12.30 0.29 10.87
C SER A 213 11.58 0.24 12.22
N ASP A 214 11.47 -0.97 12.78
CA ASP A 214 11.01 -1.15 14.16
C ASP A 214 11.93 -0.42 15.12
N ALA A 215 13.24 -0.49 14.87
CA ALA A 215 14.21 0.23 15.71
C ALA A 215 13.90 1.73 15.76
N LEU A 216 13.59 2.33 14.60
CA LEU A 216 13.23 3.75 14.56
C LEU A 216 11.91 4.03 15.26
N ILE A 217 10.90 3.18 15.03
CA ILE A 217 9.61 3.31 15.70
C ILE A 217 9.75 3.30 17.24
N GLU A 218 10.60 2.41 17.75
CA GLU A 218 10.89 2.31 19.17
C GLU A 218 11.66 3.50 19.77
N GLN A 219 12.33 4.29 18.92
CA GLN A 219 12.98 5.51 19.37
C GLN A 219 12.06 6.74 19.44
N ASP A 220 10.91 6.67 18.76
CA ASP A 220 10.03 7.83 18.62
C ASP A 220 8.90 7.79 19.64
N ALA A 221 9.02 8.59 20.70
CA ALA A 221 8.04 8.63 21.78
C ALA A 221 6.98 9.70 21.54
N VAL A 222 6.95 10.29 20.34
CA VAL A 222 6.02 11.38 20.03
C VAL A 222 5.05 10.99 18.92
N LEU A 223 5.57 10.52 17.80
CA LEU A 223 4.69 10.19 16.68
C LEU A 223 4.11 8.80 16.80
N SER A 224 2.92 8.64 16.23
CA SER A 224 2.20 7.38 16.14
C SER A 224 1.63 7.28 14.72
N GLN A 225 1.95 6.20 13.99
CA GLN A 225 1.36 6.00 12.66
C GLN A 225 -0.16 5.99 12.79
N PHE A 226 -0.69 5.20 13.72
CA PHE A 226 -2.15 5.18 13.98
C PHE A 226 -2.72 6.57 14.24
N GLY A 227 -2.11 7.32 15.17
CA GLY A 227 -2.57 8.68 15.52
C GLY A 227 -2.55 9.66 14.35
N VAL A 228 -1.43 9.69 13.62
CA VAL A 228 -1.28 10.58 12.47
C VAL A 228 -2.27 10.19 11.36
N ASN A 229 -2.32 8.89 11.02
CA ASN A 229 -3.29 8.40 10.03
C ASN A 229 -4.72 8.86 10.35
N GLU A 230 -5.16 8.56 11.57
CA GLU A 230 -6.56 8.82 11.96
C GLU A 230 -6.87 10.32 11.99
N ILE A 231 -5.97 11.11 12.54
CA ILE A 231 -6.21 12.55 12.58
C ILE A 231 -6.23 13.13 11.16
N MSE A 232 -5.26 12.75 10.35
CA MSE A 232 -5.16 13.28 8.99
C MSE A 232 -6.30 12.82 8.07
O MSE A 232 -6.74 13.59 7.21
CB MSE A 232 -3.79 12.96 8.36
CG MSE A 232 -2.63 13.54 9.14
SE MSE A 232 -2.64 15.49 9.08
CE MSE A 232 -2.14 15.74 7.21
N LYS A 233 -6.79 11.60 8.28
CA LYS A 233 -7.94 11.12 7.56
C LYS A 233 -9.15 12.01 7.84
N LYS A 234 -9.34 12.39 9.10
CA LYS A 234 -10.46 13.27 9.49
C LYS A 234 -10.35 14.64 8.77
N TRP A 235 -9.15 15.23 8.83
CA TRP A 235 -8.87 16.52 8.19
C TRP A 235 -8.99 16.47 6.65
N ALA A 236 -8.53 15.38 6.06
CA ALA A 236 -8.53 15.19 4.60
C ALA A 236 -9.94 15.11 4.02
N ASN A 237 -10.92 14.70 4.84
CA ASN A 237 -12.35 14.74 4.47
C ASN A 237 -12.65 14.01 3.16
N GLY A 238 -12.06 12.83 2.98
CA GLY A 238 -12.35 12.03 1.79
C GLY A 238 -11.21 11.96 0.79
N LEU A 239 -10.24 12.88 0.88
CA LEU A 239 -9.04 12.82 0.03
C LEU A 239 -8.10 11.74 0.54
N PRO A 240 -7.46 10.99 -0.39
CA PRO A 240 -6.46 10.00 0.05
C PRO A 240 -5.28 10.68 0.74
N LEU A 241 -4.73 10.04 1.77
CA LEU A 241 -3.56 10.59 2.48
C LEU A 241 -2.37 10.84 1.57
N THR A 242 -2.33 10.14 0.43
CA THR A 242 -1.22 10.29 -0.52
C THR A 242 -1.36 11.52 -1.45
N ASP A 243 -2.55 12.15 -1.45
CA ASP A 243 -2.74 13.42 -2.18
C ASP A 243 -1.61 14.36 -1.82
N LYS A 244 -0.99 14.95 -2.84
CA LYS A 244 0.16 15.82 -2.64
C LYS A 244 -0.13 17.02 -1.75
N ARG A 245 -1.39 17.45 -1.63
CA ARG A 245 -1.68 18.57 -0.74
C ARG A 245 -1.57 18.16 0.74
N ILE A 246 -1.77 16.87 0.99
CA ILE A 246 -1.70 16.29 2.35
C ILE A 246 -0.29 15.77 2.66
N SER A 247 0.33 15.11 1.68
CA SER A 247 1.67 14.56 1.78
C SER A 247 2.52 15.25 0.71
N PRO A 248 3.06 16.45 1.03
CA PRO A 248 3.79 17.29 0.09
C PRO A 248 5.10 16.68 -0.45
N ILE A 249 5.54 15.57 0.13
CA ILE A 249 6.64 14.80 -0.49
C ILE A 249 6.29 14.43 -1.95
N ASN A 250 4.99 14.34 -2.24
CA ASN A 250 4.47 14.00 -3.56
C ASN A 250 4.19 15.25 -4.42
N GLY A 251 4.43 16.44 -3.88
CA GLY A 251 4.09 17.70 -4.57
C GLY A 251 5.18 18.27 -5.48
N THR A 252 4.94 19.47 -6.01
CA THR A 252 5.87 20.12 -6.92
C THR A 252 7.20 20.46 -6.21
N ILE A 253 8.30 20.17 -6.90
CA ILE A 253 9.66 20.39 -6.38
C ILE A 253 10.36 21.48 -7.20
N GLU A 254 10.31 21.32 -8.52
CA GLU A 254 10.92 22.27 -9.47
C GLU A 254 10.32 23.67 -9.34
N GLY A 255 11.18 24.64 -9.06
CA GLY A 255 10.79 26.04 -8.90
C GLY A 255 10.61 26.53 -7.45
N LEU A 256 10.77 25.63 -6.47
CA LEU A 256 10.66 26.01 -5.07
C LEU A 256 11.72 27.06 -4.69
N PRO A 257 11.41 27.90 -3.69
CA PRO A 257 12.46 28.78 -3.15
C PRO A 257 13.43 27.92 -2.33
N PRO A 258 14.60 28.48 -1.93
CA PRO A 258 15.53 27.74 -1.08
C PRO A 258 14.84 27.16 0.16
N VAL A 259 15.12 25.89 0.46
CA VAL A 259 14.50 25.19 1.61
C VAL A 259 15.56 24.87 2.67
N TYR A 260 15.20 25.06 3.94
CA TYR A 260 16.10 24.84 5.07
C TYR A 260 15.34 23.94 5.98
N MSE A 261 15.86 22.75 6.25
CA MSE A 261 15.10 21.75 7.00
C MSE A 261 15.87 21.32 8.22
O MSE A 261 17.12 21.17 8.17
CB MSE A 261 14.79 20.54 6.10
CG MSE A 261 13.98 19.43 6.78
SE MSE A 261 13.32 18.19 5.45
CE MSE A 261 15.00 17.44 4.79
N PHE A 262 15.14 21.12 9.32
CA PHE A 262 15.70 20.70 10.60
C PHE A 262 14.96 19.45 11.05
N GLY A 263 15.71 18.46 11.51
CA GLY A 263 15.06 17.25 12.02
C GLY A 263 16.01 16.44 12.84
N GLY A 264 15.46 15.39 13.49
CA GLY A 264 16.25 14.49 14.34
C GLY A 264 16.26 13.08 13.80
N GLY A 265 17.29 12.32 14.20
CA GLY A 265 17.40 10.91 13.79
C GLY A 265 16.49 9.98 14.59
N ARG A 266 15.91 10.49 15.68
CA ARG A 266 14.99 9.68 16.51
C ARG A 266 13.51 9.96 16.27
N GLU A 267 13.17 10.42 15.07
CA GLU A 267 11.77 10.62 14.72
C GLU A 267 11.42 9.83 13.46
N MSE A 268 10.20 9.29 13.41
CA MSE A 268 9.78 8.35 12.34
C MSE A 268 9.73 9.00 10.97
O MSE A 268 9.62 8.30 9.96
CB MSE A 268 8.40 7.79 12.66
CG MSE A 268 8.35 6.61 13.60
SE MSE A 268 6.47 6.33 14.20
CE MSE A 268 5.56 6.72 12.57
N THR A 269 9.77 10.33 10.94
CA THR A 269 9.76 11.12 9.70
C THR A 269 11.12 11.17 9.06
N HIS A 270 12.13 10.61 9.73
CA HIS A 270 13.50 10.81 9.26
C HIS A 270 13.76 10.20 7.86
N PRO A 271 13.35 8.94 7.60
CA PRO A 271 13.47 8.45 6.22
C PRO A 271 12.81 9.35 5.17
N ASP A 272 11.61 9.87 5.44
CA ASP A 272 10.95 10.81 4.53
C ASP A 272 11.72 12.11 4.32
N MSE A 273 12.32 12.63 5.39
CA MSE A 273 13.16 13.83 5.23
C MSE A 273 14.37 13.55 4.36
O MSE A 273 14.74 14.39 3.52
CB MSE A 273 13.58 14.41 6.59
CG MSE A 273 12.41 14.92 7.44
SE MSE A 273 13.09 15.77 9.05
CE MSE A 273 13.52 14.20 10.10
N LYS A 274 15.01 12.40 4.55
CA LYS A 274 16.17 12.04 3.71
C LYS A 274 15.74 11.83 2.26
N LEU A 275 14.57 11.20 2.07
CA LEU A 275 14.01 11.01 0.71
C LEU A 275 13.69 12.36 0.04
N PHE A 276 13.01 13.23 0.77
CA PHE A 276 12.76 14.58 0.26
C PHE A 276 14.07 15.30 -0.11
N GLU A 277 15.08 15.22 0.75
CA GLU A 277 16.36 15.84 0.43
C GLU A 277 16.94 15.30 -0.89
N GLN A 278 16.88 13.98 -1.10
CA GLN A 278 17.37 13.35 -2.34
C GLN A 278 16.62 13.88 -3.57
N MSE A 279 15.28 14.00 -3.44
CA MSE A 279 14.48 14.54 -4.54
C MSE A 279 14.83 16.01 -4.88
O MSE A 279 14.92 16.38 -6.04
CB MSE A 279 12.98 14.41 -4.23
CG MSE A 279 12.50 12.98 -4.10
SE MSE A 279 10.69 12.98 -3.29
CE MSE A 279 9.77 13.95 -4.68
N MSE A 280 15.00 16.84 -3.85
CA MSE A 280 15.45 18.24 -4.04
C MSE A 280 16.80 18.32 -4.78
O MSE A 280 16.97 19.10 -5.73
CB MSE A 280 15.54 18.93 -2.68
CG MSE A 280 14.19 19.08 -1.98
SE MSE A 280 13.12 20.50 -2.83
CE MSE A 280 14.11 22.01 -2.15
N LEU A 281 17.74 17.50 -4.33
CA LEU A 281 19.07 17.44 -4.91
C LEU A 281 19.01 17.04 -6.38
N GLN A 282 18.27 15.96 -6.65
CA GLN A 282 18.06 15.46 -8.03
C GLN A 282 17.49 16.52 -8.97
N HIS A 283 16.59 17.35 -8.43
CA HIS A 283 15.98 18.40 -9.23
C HIS A 283 16.73 19.72 -9.16
N HIS A 284 17.96 19.69 -8.65
CA HIS A 284 18.82 20.88 -8.51
C HIS A 284 18.12 22.02 -7.78
N GLN A 285 17.44 21.68 -6.70
CA GLN A 285 16.78 22.67 -5.86
C GLN A 285 17.60 22.81 -4.58
N TYR A 286 17.95 24.04 -4.25
CA TYR A 286 18.68 24.35 -3.02
C TYR A 286 18.00 23.80 -1.76
N ILE A 287 18.73 22.96 -1.02
CA ILE A 287 18.23 22.47 0.27
C ILE A 287 19.39 22.38 1.29
N GLU A 288 19.18 22.93 2.49
CA GLU A 288 20.11 22.67 3.60
C GLU A 288 19.36 21.80 4.58
N PHE A 289 19.92 20.63 4.90
CA PHE A 289 19.30 19.78 5.90
C PHE A 289 20.22 19.75 7.13
N TYR A 290 19.73 20.28 8.24
CA TYR A 290 20.44 20.21 9.50
C TYR A 290 19.87 19.00 10.24
N ASP A 291 20.62 17.92 10.26
CA ASP A 291 20.13 16.62 10.73
C ASP A 291 20.81 16.32 12.06
N TYR A 292 20.00 16.23 13.12
CA TYR A 292 20.51 16.01 14.48
C TYR A 292 20.30 14.54 14.89
N PRO A 293 21.34 13.71 14.80
CA PRO A 293 21.15 12.26 14.96
C PRO A 293 20.41 11.80 16.23
N LYS A 294 20.60 12.47 17.35
CA LYS A 294 20.04 11.97 18.60
C LYS A 294 18.76 12.70 19.01
N MSE A 295 18.32 13.65 18.18
CA MSE A 295 17.15 14.47 18.55
C MSE A 295 15.82 13.84 18.23
O MSE A 295 15.69 13.03 17.28
CB MSE A 295 17.24 15.85 17.90
CG MSE A 295 18.32 16.73 18.51
SE MSE A 295 18.01 17.06 20.41
CE MSE A 295 19.17 15.73 21.16
N VAL A 296 14.81 14.25 19.00
CA VAL A 296 13.45 13.76 18.89
C VAL A 296 12.61 14.62 17.95
N HIS A 297 11.39 14.16 17.65
CA HIS A 297 10.45 14.91 16.82
C HIS A 297 10.23 16.31 17.38
N ASP A 298 10.41 17.34 16.54
CA ASP A 298 10.03 18.71 16.90
C ASP A 298 10.95 19.23 17.98
N PHE A 299 12.19 18.73 18.00
CA PHE A 299 13.09 18.98 19.14
C PHE A 299 13.27 20.46 19.53
N PRO A 300 13.29 21.42 18.56
CA PRO A 300 13.53 22.81 18.93
C PRO A 300 12.50 23.44 19.89
N ILE A 301 11.35 22.79 20.12
CA ILE A 301 10.36 23.30 21.09
C ILE A 301 10.81 23.07 22.52
N TYR A 302 11.74 22.13 22.70
CA TYR A 302 12.28 21.84 24.01
C TYR A 302 13.39 22.81 24.45
N PRO A 303 13.41 23.16 25.75
CA PRO A 303 14.44 24.06 26.29
C PRO A 303 15.79 23.35 26.53
N ILE A 304 16.44 22.98 25.43
CA ILE A 304 17.69 22.22 25.45
C ILE A 304 18.71 22.91 24.52
N ARG A 305 20.00 22.64 24.73
CA ARG A 305 21.02 23.36 23.99
C ARG A 305 20.90 23.20 22.48
N GLN A 306 20.50 22.01 22.02
CA GLN A 306 20.38 21.72 20.55
C GLN A 306 19.34 22.61 19.88
N SER A 307 18.29 22.94 20.62
CA SER A 307 17.27 23.87 20.16
CA SER A 307 17.26 23.88 20.19
C SER A 307 17.86 25.26 19.96
N HIS A 308 18.67 25.70 20.91
CA HIS A 308 19.33 27.00 20.79
C HIS A 308 20.30 26.99 19.60
N LYS A 309 20.98 25.88 19.39
CA LYS A 309 21.85 25.73 18.22
C LYS A 309 21.04 25.78 16.91
N ALA A 310 19.88 25.12 16.88
CA ALA A 310 19.02 25.15 15.68
C ALA A 310 18.52 26.55 15.41
N ILE A 311 18.12 27.25 16.46
CA ILE A 311 17.65 28.63 16.34
C ILE A 311 18.76 29.54 15.80
N LYS A 312 19.99 29.36 16.29
CA LYS A 312 21.13 30.12 15.76
C LYS A 312 21.36 29.82 14.28
N GLN A 313 21.18 28.57 13.88
CA GLN A 313 21.31 28.18 12.47
C GLN A 313 20.23 28.82 11.58
N ILE A 314 19.00 28.89 12.10
CA ILE A 314 17.94 29.67 11.45
C ILE A 314 18.37 31.13 11.27
N ALA A 315 18.82 31.77 12.35
CA ALA A 315 19.25 33.17 12.33
C ALA A 315 20.39 33.42 11.33
N LYS A 316 21.40 32.55 11.35
CA LYS A 316 22.53 32.68 10.42
C LYS A 316 22.11 32.48 8.97
N SER A 317 21.21 31.53 8.70
CA SER A 317 20.86 31.24 7.31
C SER A 317 19.77 32.16 6.73
N ILE A 318 18.89 32.69 7.58
CA ILE A 318 17.71 33.41 7.09
C ILE A 318 18.06 34.67 6.29
N ASP A 319 19.21 35.28 6.55
CA ASP A 319 19.58 36.44 5.74
C ASP A 319 20.56 36.17 4.57
N GLU A 320 20.87 34.90 4.29
CA GLU A 320 21.64 34.51 3.08
C GLU A 320 20.99 35.10 1.82
N ASP A 321 21.81 35.59 0.90
CA ASP A 321 21.33 36.07 -0.40
C ASP A 321 20.76 34.92 -1.22
N VAL A 322 19.53 35.07 -1.68
CA VAL A 322 18.89 34.07 -2.53
C VAL A 322 19.28 34.35 -3.98
N THR A 323 20.14 33.48 -4.53
CA THR A 323 20.69 33.65 -5.88
C THR A 323 20.22 32.55 -6.83
N GLN A 324 19.42 31.62 -6.31
CA GLN A 324 18.88 30.53 -7.13
C GLN A 324 17.77 31.07 -8.05
N SER B 29 -17.77 -34.82 -28.05
CA SER B 29 -16.94 -34.76 -26.80
C SER B 29 -15.93 -33.63 -26.91
N VAL B 30 -16.03 -32.68 -25.98
CA VAL B 30 -15.16 -31.51 -25.97
C VAL B 30 -13.70 -31.88 -25.68
N VAL B 31 -13.49 -32.87 -24.79
CA VAL B 31 -12.14 -33.33 -24.45
C VAL B 31 -11.41 -33.85 -25.70
N ASN B 32 -12.10 -34.67 -26.48
CA ASN B 32 -11.51 -35.26 -27.68
C ASN B 32 -11.34 -34.24 -28.81
N LYS B 33 -12.30 -33.34 -28.93
CA LYS B 33 -12.28 -32.30 -29.98
C LYS B 33 -11.02 -31.44 -29.87
N TYR B 34 -10.59 -31.14 -28.64
CA TYR B 34 -9.47 -30.25 -28.43
C TYR B 34 -8.25 -30.93 -27.81
N LEU B 35 -8.21 -32.25 -27.95
CA LEU B 35 -7.17 -33.06 -27.32
C LEU B 35 -5.75 -32.64 -27.72
N LEU B 36 -4.92 -32.39 -26.72
CA LEU B 36 -3.49 -32.28 -26.93
C LEU B 36 -2.83 -33.48 -26.27
N HIS B 37 -2.25 -34.35 -27.09
CA HIS B 37 -1.61 -35.56 -26.61
C HIS B 37 -0.44 -35.22 -25.69
N ASN B 38 0.24 -34.11 -25.96
CA ASN B 38 1.37 -33.66 -25.14
C ASN B 38 0.99 -33.15 -23.73
N ARG B 39 -0.30 -33.09 -23.45
CA ARG B 39 -0.77 -32.68 -22.13
C ARG B 39 -1.48 -33.83 -21.40
N SER B 40 -1.56 -34.99 -22.03
CA SER B 40 -2.26 -36.12 -21.44
C SER B 40 -1.48 -36.70 -20.28
N ILE B 41 -2.17 -36.99 -19.19
CA ILE B 41 -1.52 -37.68 -18.05
C ILE B 41 -2.08 -39.08 -17.84
N MSE B 42 -2.66 -39.65 -18.90
CA MSE B 42 -3.25 -40.98 -18.84
C MSE B 42 -2.16 -42.02 -19.03
O MSE B 42 -2.17 -42.77 -20.03
CB MSE B 42 -4.33 -41.16 -19.93
CG MSE B 42 -5.47 -40.18 -19.90
SE MSE B 42 -6.24 -40.07 -18.12
CE MSE B 42 -8.08 -39.80 -18.62
N PHE B 43 -1.22 -42.09 -18.09
CA PHE B 43 -0.07 -43.00 -18.22
C PHE B 43 -0.51 -44.43 -17.99
N LYS B 44 0.12 -45.35 -18.73
CA LYS B 44 -0.15 -46.80 -18.59
C LYS B 44 0.64 -47.44 -17.45
N ASN B 45 1.86 -46.93 -17.24
CA ASN B 45 2.86 -47.62 -16.41
C ASN B 45 4.02 -46.69 -16.09
N ASP B 46 5.00 -47.19 -15.34
CA ASP B 46 6.13 -46.35 -14.91
C ASP B 46 6.97 -45.84 -16.07
N GLN B 47 7.04 -46.65 -17.12
CA GLN B 47 7.75 -46.29 -18.34
C GLN B 47 7.19 -45.01 -18.99
N ASP B 48 5.86 -44.93 -19.11
CA ASP B 48 5.16 -43.72 -19.56
C ASP B 48 5.45 -42.50 -18.72
N VAL B 49 5.43 -42.69 -17.40
CA VAL B 49 5.71 -41.63 -16.44
C VAL B 49 7.13 -41.08 -16.65
N GLU B 50 8.11 -41.98 -16.76
CA GLU B 50 9.49 -41.60 -17.05
C GLU B 50 9.64 -40.84 -18.34
N ARG B 51 9.06 -41.34 -19.42
CA ARG B 51 9.10 -40.67 -20.72
C ARG B 51 8.49 -39.27 -20.65
N PHE B 52 7.40 -39.16 -19.90
CA PHE B 52 6.76 -37.87 -19.66
C PHE B 52 7.72 -36.90 -18.95
N PHE B 53 8.32 -37.32 -17.83
CA PHE B 53 9.31 -36.48 -17.13
C PHE B 53 10.49 -36.09 -18.03
N TYR B 54 10.97 -37.01 -18.85
CA TYR B 54 12.07 -36.71 -19.78
C TYR B 54 11.68 -35.65 -20.80
N LYS B 55 10.47 -35.76 -21.35
CA LYS B 55 9.98 -34.74 -22.25
C LYS B 55 9.81 -33.38 -21.55
N ARG B 56 9.26 -33.40 -20.33
CA ARG B 56 9.03 -32.15 -19.60
C ARG B 56 10.36 -31.48 -19.21
N GLU B 57 11.37 -32.30 -18.90
CA GLU B 57 12.69 -31.77 -18.56
C GLU B 57 13.15 -30.82 -19.64
N ILE B 58 13.04 -31.28 -20.89
CA ILE B 58 13.41 -30.49 -22.06
C ILE B 58 12.48 -29.30 -22.31
N GLU B 59 11.17 -29.55 -22.34
CA GLU B 59 10.23 -28.51 -22.70
C GLU B 59 10.16 -27.38 -21.69
N ASN B 60 10.30 -27.71 -20.40
CA ASN B 60 10.25 -26.70 -19.34
C ASN B 60 11.49 -25.85 -19.28
N ARG B 61 12.57 -26.32 -19.92
CA ARG B 61 13.80 -25.56 -19.99
C ARG B 61 13.73 -24.42 -21.02
N LYS B 62 12.84 -24.53 -22.00
CA LYS B 62 12.69 -23.51 -23.04
C LYS B 62 11.94 -22.29 -22.50
N LYS B 63 12.23 -21.09 -23.02
CA LYS B 63 11.41 -19.94 -22.66
C LYS B 63 9.97 -20.21 -23.11
N HIS B 64 9.01 -19.92 -22.24
CA HIS B 64 7.59 -20.09 -22.61
C HIS B 64 7.16 -18.94 -23.50
N LYS B 65 6.48 -19.25 -24.59
CA LYS B 65 6.06 -18.23 -25.56
C LYS B 65 4.54 -18.20 -25.77
N GLN B 66 4.01 -17.03 -26.09
CA GLN B 66 2.64 -16.95 -26.54
C GLN B 66 2.43 -17.83 -27.80
N PRO B 67 1.26 -18.50 -27.90
CA PRO B 67 1.06 -19.34 -29.07
C PRO B 67 1.24 -18.52 -30.35
N SER B 68 1.98 -19.04 -31.33
CA SER B 68 2.32 -18.24 -32.52
C SER B 68 1.10 -17.82 -33.37
N THR B 69 0.00 -18.55 -33.24
CA THR B 69 -1.15 -18.31 -34.12
C THR B 69 -2.28 -17.55 -33.40
N LEU B 70 -2.12 -17.34 -32.09
CA LEU B 70 -3.20 -16.78 -31.28
C LEU B 70 -3.16 -15.25 -31.26
N ASN B 71 -4.29 -14.64 -31.62
CA ASN B 71 -4.49 -13.21 -31.44
C ASN B 71 -4.92 -12.95 -30.01
N VAL B 72 -4.06 -12.28 -29.23
CA VAL B 72 -4.42 -11.91 -27.87
C VAL B 72 -5.05 -10.51 -27.93
N LYS B 73 -6.29 -10.39 -27.47
CA LYS B 73 -7.00 -9.12 -27.60
C LYS B 73 -6.53 -8.12 -26.55
N ALA B 74 -6.23 -8.62 -25.37
CA ALA B 74 -5.71 -7.76 -24.32
C ALA B 74 -4.32 -7.28 -24.70
N ASN B 75 -3.91 -6.15 -24.13
CA ASN B 75 -2.52 -5.71 -24.22
C ASN B 75 -1.66 -6.61 -23.35
N LEU B 76 -0.50 -6.99 -23.87
CA LEU B 76 0.35 -7.98 -23.21
C LEU B 76 1.70 -7.41 -22.79
N GLU B 77 2.12 -7.67 -21.54
CA GLU B 77 3.46 -7.29 -21.08
C GLU B 77 4.29 -8.54 -20.88
N LYS B 78 5.48 -8.58 -21.44
CA LYS B 78 6.31 -9.77 -21.29
C LYS B 78 7.46 -9.42 -20.34
N LEU B 79 7.26 -9.70 -19.06
CA LEU B 79 8.17 -9.24 -18.02
C LEU B 79 8.97 -10.41 -17.45
N SER B 80 9.83 -10.09 -16.49
CA SER B 80 10.46 -11.11 -15.69
C SER B 80 10.64 -10.62 -14.26
N LEU B 81 10.72 -11.58 -13.36
CA LEU B 81 10.95 -11.29 -11.98
C LEU B 81 11.99 -12.31 -11.52
N ASP B 82 13.20 -11.84 -11.23
CA ASP B 82 14.28 -12.73 -10.80
C ASP B 82 14.45 -13.94 -11.72
N ASP B 83 14.59 -13.71 -13.03
CA ASP B 83 14.74 -14.84 -13.97
C ASP B 83 13.49 -15.73 -14.21
N MSE B 84 12.36 -15.40 -13.59
CA MSE B 84 11.10 -16.08 -13.94
C MSE B 84 10.33 -15.21 -14.93
O MSE B 84 10.20 -14.01 -14.71
CB MSE B 84 10.25 -16.29 -12.68
CG MSE B 84 8.82 -16.76 -12.94
SE MSE B 84 7.79 -17.14 -11.31
CE MSE B 84 7.91 -15.41 -10.41
N GLN B 85 9.81 -15.81 -16.01
CA GLN B 85 8.90 -15.09 -16.90
C GLN B 85 7.60 -14.78 -16.19
N VAL B 86 7.13 -13.54 -16.29
CA VAL B 86 5.80 -13.14 -15.84
C VAL B 86 5.15 -12.35 -16.98
N PHE B 87 4.01 -12.86 -17.46
CA PHE B 87 3.22 -12.19 -18.47
C PHE B 87 2.11 -11.43 -17.77
N ARG B 88 1.83 -10.21 -18.21
CA ARG B 88 0.69 -9.47 -17.71
C ARG B 88 -0.23 -9.13 -18.87
N PHE B 89 -1.54 -9.25 -18.64
CA PHE B 89 -2.55 -8.94 -19.65
C PHE B 89 -3.40 -7.82 -19.08
N ASN B 90 -3.59 -6.75 -19.82
CA ASN B 90 -4.58 -5.77 -19.39
C ASN B 90 -5.36 -5.23 -20.60
N PHE B 91 -6.50 -4.62 -20.32
CA PHE B 91 -7.40 -4.15 -21.36
C PHE B 91 -7.87 -2.74 -21.00
N ARG B 92 -7.89 -1.86 -22.00
CA ARG B 92 -8.33 -0.48 -21.83
C ARG B 92 -7.63 0.24 -20.69
N HIS B 93 -6.33 -0.07 -20.50
CA HIS B 93 -5.52 0.57 -19.47
C HIS B 93 -5.98 0.30 -18.02
N GLN B 94 -6.74 -0.79 -17.81
CA GLN B 94 -7.23 -1.09 -16.47
C GLN B 94 -6.22 -1.97 -15.71
N ILE B 95 -5.50 -1.36 -14.76
CA ILE B 95 -4.41 -2.03 -14.04
C ILE B 95 -4.46 -1.78 -12.51
N ASP B 96 -5.49 -1.06 -12.04
CA ASP B 96 -5.60 -0.74 -10.61
C ASP B 96 -5.93 -1.95 -9.72
N LYS B 97 -6.38 -3.04 -10.34
CA LYS B 97 -6.69 -4.28 -9.64
C LYS B 97 -6.05 -5.44 -10.40
N LYS B 98 -5.60 -6.46 -9.68
CA LYS B 98 -4.82 -7.57 -10.27
C LYS B 98 -5.45 -8.91 -9.95
N ILE B 99 -5.33 -9.83 -10.89
CA ILE B 99 -5.59 -11.25 -10.62
C ILE B 99 -4.24 -11.97 -10.79
N LEU B 100 -3.76 -12.55 -9.71
CA LEU B 100 -2.60 -13.42 -9.79
C LEU B 100 -3.15 -14.77 -10.17
N TYR B 101 -2.82 -15.19 -11.40
CA TYR B 101 -3.38 -16.40 -11.98
C TYR B 101 -2.35 -17.52 -11.96
N ILE B 102 -2.72 -18.62 -11.30
CA ILE B 102 -1.81 -19.77 -11.15
C ILE B 102 -2.30 -20.90 -12.05
N HIS B 103 -1.57 -21.18 -13.12
CA HIS B 103 -2.12 -22.02 -14.19
C HIS B 103 -2.05 -23.53 -13.84
N GLY B 104 -2.96 -24.32 -14.42
CA GLY B 104 -2.95 -25.79 -14.25
C GLY B 104 -1.87 -26.47 -15.08
N GLY B 105 -1.68 -27.76 -14.85
CA GLY B 105 -0.66 -28.53 -15.58
C GLY B 105 0.14 -29.47 -14.70
N PHE B 106 -0.35 -29.66 -13.47
CA PHE B 106 0.17 -30.65 -12.51
C PHE B 106 1.60 -30.33 -12.06
N ASN B 107 2.00 -29.07 -12.19
CA ASN B 107 3.33 -28.62 -11.83
C ASN B 107 4.40 -29.24 -12.73
N ALA B 108 3.98 -29.74 -13.90
CA ALA B 108 4.90 -30.37 -14.87
C ALA B 108 4.74 -29.75 -16.24
N LEU B 109 3.51 -29.33 -16.57
CA LEU B 109 3.20 -28.71 -17.86
C LEU B 109 3.20 -27.19 -17.76
N GLN B 110 3.55 -26.52 -18.86
CA GLN B 110 3.44 -25.07 -18.98
C GLN B 110 2.02 -24.71 -19.41
N PRO B 111 1.70 -23.40 -19.48
CA PRO B 111 0.35 -23.08 -19.91
C PRO B 111 0.01 -23.60 -21.29
N SER B 112 -1.21 -24.10 -21.41
CA SER B 112 -1.82 -24.46 -22.68
C SER B 112 -2.08 -23.22 -23.54
N PRO B 113 -2.11 -23.38 -24.88
CA PRO B 113 -2.62 -22.26 -25.68
C PRO B 113 -4.05 -21.85 -25.25
N PHE B 114 -4.80 -22.80 -24.67
CA PHE B 114 -6.15 -22.53 -24.18
C PHE B 114 -6.13 -21.74 -22.87
N HIS B 115 -5.06 -21.86 -22.09
CA HIS B 115 -4.91 -21.00 -20.91
C HIS B 115 -4.75 -19.54 -21.35
N TRP B 116 -3.94 -19.31 -22.38
CA TRP B 116 -3.74 -17.95 -22.91
C TRP B 116 -5.07 -17.31 -23.29
N ARG B 117 -5.87 -18.09 -24.01
CA ARG B 117 -7.19 -17.64 -24.45
C ARG B 117 -8.12 -17.36 -23.27
N LEU B 118 -8.18 -18.28 -22.31
CA LEU B 118 -8.98 -18.10 -21.11
C LEU B 118 -8.60 -16.83 -20.36
N LEU B 119 -7.30 -16.61 -20.16
CA LEU B 119 -6.81 -15.43 -19.43
C LEU B 119 -7.11 -14.12 -20.16
N ASP B 120 -7.02 -14.17 -21.48
CA ASP B 120 -7.38 -13.04 -22.32
C ASP B 120 -8.84 -12.71 -22.09
N LYS B 121 -9.71 -13.73 -22.10
CA LYS B 121 -11.14 -13.53 -21.88
C LYS B 121 -11.45 -13.01 -20.45
N ILE B 122 -10.75 -13.54 -19.46
CA ILE B 122 -10.94 -13.05 -18.09
C ILE B 122 -10.54 -11.57 -17.97
N THR B 123 -9.44 -11.20 -18.63
CA THR B 123 -8.95 -9.81 -18.63
C THR B 123 -10.03 -8.88 -19.20
N LEU B 124 -10.57 -9.25 -20.35
CA LEU B 124 -11.55 -8.42 -21.04
C LEU B 124 -12.87 -8.34 -20.28
N SER B 125 -13.19 -9.40 -19.54
CA SER B 125 -14.46 -9.44 -18.82
C SER B 125 -14.42 -8.74 -17.46
N THR B 126 -13.30 -8.84 -16.77
CA THR B 126 -13.20 -8.34 -15.40
C THR B 126 -12.60 -6.96 -15.35
N LEU B 127 -11.79 -6.63 -16.37
CA LEU B 127 -10.97 -5.41 -16.37
C LEU B 127 -10.03 -5.33 -15.16
N TYR B 128 -9.57 -6.49 -14.70
CA TYR B 128 -8.41 -6.60 -13.83
C TYR B 128 -7.21 -6.86 -14.74
N GLU B 129 -6.00 -6.52 -14.28
CA GLU B 129 -4.81 -6.96 -14.98
C GLU B 129 -4.54 -8.37 -14.50
N VAL B 130 -4.43 -9.31 -15.45
CA VAL B 130 -4.23 -10.72 -15.12
C VAL B 130 -2.73 -10.98 -15.23
N VAL B 131 -2.18 -11.60 -14.19
CA VAL B 131 -0.75 -11.77 -14.08
C VAL B 131 -0.44 -13.26 -14.07
N LEU B 132 0.35 -13.69 -15.05
CA LEU B 132 0.64 -15.10 -15.27
C LEU B 132 2.12 -15.42 -15.03
N PRO B 133 2.50 -15.75 -13.78
CA PRO B 133 3.88 -16.23 -13.55
C PRO B 133 4.15 -17.64 -14.11
N ILE B 134 5.26 -17.80 -14.83
CA ILE B 134 5.67 -19.11 -15.30
C ILE B 134 6.55 -19.74 -14.20
N TYR B 135 5.89 -20.20 -13.13
CA TYR B 135 6.54 -20.67 -11.92
C TYR B 135 7.33 -21.97 -12.18
N PRO B 136 8.34 -22.24 -11.34
CA PRO B 136 9.21 -23.43 -11.45
C PRO B 136 8.42 -24.74 -11.55
N LYS B 137 8.82 -25.62 -12.47
CA LYS B 137 8.12 -26.89 -12.69
C LYS B 137 9.02 -28.08 -12.44
N THR B 138 8.38 -29.19 -12.07
CA THR B 138 9.03 -30.48 -12.04
C THR B 138 9.13 -30.99 -13.50
N PRO B 139 10.03 -31.95 -13.79
CA PRO B 139 10.93 -32.70 -12.89
C PRO B 139 12.20 -31.98 -12.40
N GLU B 140 12.53 -30.82 -12.97
CA GLU B 140 13.75 -30.10 -12.57
C GLU B 140 13.58 -29.42 -11.21
N PHE B 141 12.42 -28.82 -10.97
CA PHE B 141 12.19 -28.10 -9.71
C PHE B 141 11.12 -28.74 -8.86
N HIS B 142 10.99 -28.27 -7.63
CA HIS B 142 10.18 -28.95 -6.64
C HIS B 142 9.32 -27.98 -5.85
N ILE B 143 8.53 -28.55 -4.94
CA ILE B 143 7.48 -27.81 -4.23
C ILE B 143 7.97 -26.47 -3.64
N ASP B 144 9.10 -26.46 -2.93
CA ASP B 144 9.56 -25.23 -2.31
C ASP B 144 9.91 -24.15 -3.34
N ASP B 145 10.49 -24.56 -4.48
CA ASP B 145 10.82 -23.64 -5.58
C ASP B 145 9.55 -22.97 -6.12
N THR B 146 8.53 -23.79 -6.35
CA THR B 146 7.25 -23.33 -6.86
C THR B 146 6.60 -22.30 -5.93
N PHE B 147 6.47 -22.65 -4.66
CA PHE B 147 5.84 -21.77 -3.68
C PHE B 147 6.60 -20.45 -3.40
N GLN B 148 7.93 -20.49 -3.39
CA GLN B 148 8.71 -19.26 -3.17
C GLN B 148 8.57 -18.27 -4.34
N ALA B 149 8.51 -18.80 -5.56
CA ALA B 149 8.32 -17.97 -6.74
C ALA B 149 6.94 -17.30 -6.71
N ILE B 150 5.90 -18.06 -6.37
CA ILE B 150 4.56 -17.50 -6.25
C ILE B 150 4.53 -16.39 -5.18
N GLN B 151 5.20 -16.62 -4.05
CA GLN B 151 5.32 -15.61 -3.00
C GLN B 151 5.92 -14.31 -3.56
N ARG B 152 6.99 -14.42 -4.34
CA ARG B 152 7.66 -13.26 -4.90
C ARG B 152 6.76 -12.42 -5.80
N VAL B 153 6.02 -13.07 -6.70
CA VAL B 153 5.15 -12.30 -7.59
C VAL B 153 3.98 -11.70 -6.82
N TYR B 154 3.44 -12.45 -5.84
CA TYR B 154 2.39 -11.88 -4.98
C TYR B 154 2.87 -10.64 -4.25
N ASP B 155 4.06 -10.71 -3.65
CA ASP B 155 4.62 -9.58 -2.91
C ASP B 155 4.79 -8.38 -3.83
N GLN B 156 5.28 -8.64 -5.05
CA GLN B 156 5.39 -7.61 -6.08
C GLN B 156 4.05 -6.91 -6.36
N LEU B 157 2.98 -7.69 -6.60
CA LEU B 157 1.64 -7.12 -6.88
C LEU B 157 1.10 -6.35 -5.69
N VAL B 158 1.21 -6.92 -4.49
CA VAL B 158 0.76 -6.23 -3.28
C VAL B 158 1.47 -4.88 -3.10
N SER B 159 2.77 -4.82 -3.40
CA SER B 159 3.51 -3.56 -3.26
C SER B 159 3.00 -2.52 -4.25
N GLU B 160 2.50 -2.99 -5.39
CA GLU B 160 1.97 -2.11 -6.42
C GLU B 160 0.62 -1.49 -6.08
N VAL B 161 -0.34 -2.30 -5.62
CA VAL B 161 -1.71 -1.83 -5.52
C VAL B 161 -2.38 -2.13 -4.18
N GLY B 162 -1.69 -2.88 -3.33
CA GLY B 162 -2.25 -3.28 -2.03
C GLY B 162 -3.00 -4.59 -2.10
N HIS B 163 -2.94 -5.34 -1.00
CA HIS B 163 -3.58 -6.66 -0.94
C HIS B 163 -5.09 -6.62 -1.22
N GLN B 164 -5.77 -5.55 -0.81
CA GLN B 164 -7.21 -5.43 -1.09
C GLN B 164 -7.53 -5.38 -2.60
N ASN B 165 -6.50 -5.13 -3.40
CA ASN B 165 -6.68 -4.96 -4.83
C ASN B 165 -6.11 -6.14 -5.64
N VAL B 166 -5.79 -7.22 -4.92
CA VAL B 166 -5.26 -8.43 -5.55
C VAL B 166 -6.22 -9.57 -5.28
N VAL B 167 -6.58 -10.31 -6.34
CA VAL B 167 -7.38 -11.53 -6.24
C VAL B 167 -6.46 -12.66 -6.70
N VAL B 168 -6.55 -13.83 -6.06
CA VAL B 168 -5.77 -15.00 -6.47
C VAL B 168 -6.71 -16.02 -7.14
N MSE B 169 -6.28 -16.59 -8.25
CA MSE B 169 -7.08 -17.50 -9.04
C MSE B 169 -6.17 -18.60 -9.58
O MSE B 169 -5.02 -18.33 -9.89
CB MSE B 169 -7.68 -16.76 -10.22
CG MSE B 169 -8.68 -17.57 -11.03
SE MSE B 169 -9.51 -16.41 -12.40
CE MSE B 169 -10.50 -15.16 -11.30
N GLY B 170 -6.71 -19.81 -9.70
CA GLY B 170 -5.96 -20.91 -10.35
C GLY B 170 -6.89 -22.03 -10.78
N ASP B 171 -6.42 -22.85 -11.72
CA ASP B 171 -7.24 -23.95 -12.28
C ASP B 171 -6.49 -25.27 -12.12
N GLY B 172 -7.22 -26.36 -11.85
CA GLY B 172 -6.58 -27.68 -11.77
C GLY B 172 -5.58 -27.74 -10.63
N SER B 173 -4.39 -28.26 -10.89
CA SER B 173 -3.34 -28.26 -9.89
C SER B 173 -3.02 -26.83 -9.44
N GLY B 174 -3.27 -25.87 -10.33
CA GLY B 174 -3.10 -24.45 -10.03
C GLY B 174 -4.11 -23.91 -9.03
N GLY B 175 -5.31 -24.46 -9.02
CA GLY B 175 -6.30 -24.13 -7.97
C GLY B 175 -5.85 -24.70 -6.64
N ALA B 176 -5.25 -25.89 -6.65
CA ALA B 176 -4.60 -26.40 -5.43
C ALA B 176 -3.48 -25.47 -4.96
N LEU B 177 -2.59 -25.09 -5.88
CA LEU B 177 -1.49 -24.18 -5.51
C LEU B 177 -2.03 -22.87 -4.97
N ALA B 178 -3.06 -22.34 -5.62
CA ALA B 178 -3.66 -21.07 -5.23
C ALA B 178 -4.21 -21.13 -3.81
N LEU B 179 -4.96 -22.19 -3.50
CA LEU B 179 -5.49 -22.35 -2.14
C LEU B 179 -4.37 -22.58 -1.13
N SER B 180 -3.46 -23.50 -1.41
CA SER B 180 -2.32 -23.76 -0.52
C SER B 180 -1.52 -22.48 -0.25
N PHE B 181 -1.31 -21.68 -1.30
CA PHE B 181 -0.58 -20.43 -1.15
C PHE B 181 -1.30 -19.42 -0.23
N VAL B 182 -2.60 -19.22 -0.44
CA VAL B 182 -3.36 -18.32 0.44
C VAL B 182 -3.41 -18.82 1.89
N GLN B 183 -3.46 -20.14 2.06
CA GLN B 183 -3.36 -20.77 3.38
C GLN B 183 -2.00 -20.46 4.01
N SER B 184 -0.96 -20.45 3.19
CA SER B 184 0.38 -20.08 3.65
C SER B 184 0.43 -18.61 4.11
N LEU B 185 -0.18 -17.73 3.32
CA LEU B 185 -0.28 -16.32 3.72
C LEU B 185 -0.95 -16.20 5.09
N LEU B 186 -2.08 -16.89 5.22
CA LEU B 186 -2.89 -16.90 6.43
C LEU B 186 -2.07 -17.42 7.63
N ASP B 187 -1.42 -18.58 7.45
CA ASP B 187 -0.62 -19.23 8.51
C ASP B 187 0.55 -18.33 8.95
N ASN B 188 1.00 -17.49 8.01
CA ASN B 188 2.12 -16.60 8.23
C ASN B 188 1.74 -15.13 8.46
N GLN B 189 0.45 -14.90 8.69
CA GLN B 189 -0.07 -13.56 8.98
C GLN B 189 0.19 -12.51 7.90
N GLN B 190 0.36 -12.96 6.66
CA GLN B 190 0.61 -12.06 5.54
C GLN B 190 -0.70 -11.41 5.11
N PRO B 191 -0.64 -10.17 4.61
CA PRO B 191 -1.85 -9.56 4.01
C PRO B 191 -2.50 -10.48 2.96
N LEU B 192 -3.81 -10.70 3.06
CA LEU B 192 -4.52 -11.67 2.22
C LEU B 192 -5.15 -11.02 0.99
N PRO B 193 -5.31 -11.78 -0.12
CA PRO B 193 -6.01 -11.19 -1.28
C PRO B 193 -7.47 -10.98 -0.93
N ASN B 194 -8.15 -10.14 -1.71
CA ASN B 194 -9.52 -9.76 -1.43
C ASN B 194 -10.42 -10.97 -1.62
N LYS B 195 -10.06 -11.80 -2.60
CA LYS B 195 -10.88 -12.97 -2.95
C LYS B 195 -9.96 -14.04 -3.49
N LEU B 196 -10.46 -15.28 -3.45
CA LEU B 196 -9.76 -16.45 -3.97
C LEU B 196 -10.67 -17.27 -4.91
N TYR B 197 -10.25 -17.43 -6.16
CA TYR B 197 -11.04 -18.16 -7.18
C TYR B 197 -10.36 -19.48 -7.52
N LEU B 198 -11.14 -20.57 -7.46
CA LEU B 198 -10.67 -21.92 -7.69
C LEU B 198 -11.45 -22.56 -8.83
N ILE B 199 -10.74 -22.92 -9.90
CA ILE B 199 -11.35 -23.60 -11.06
C ILE B 199 -10.93 -25.08 -11.09
N SER B 200 -11.90 -25.99 -10.94
CA SER B 200 -11.58 -27.40 -10.84
C SER B 200 -10.32 -27.72 -10.01
N PRO B 201 -10.25 -27.25 -8.75
CA PRO B 201 -9.03 -27.45 -7.97
C PRO B 201 -8.83 -28.92 -7.64
N ILE B 202 -7.58 -29.38 -7.70
CA ILE B 202 -7.25 -30.73 -7.28
C ILE B 202 -6.91 -30.63 -5.78
N LEU B 203 -7.96 -30.65 -4.95
CA LEU B 203 -7.84 -30.39 -3.53
C LEU B 203 -7.12 -31.49 -2.76
N ASP B 204 -7.21 -32.72 -3.23
CA ASP B 204 -6.54 -33.84 -2.60
C ASP B 204 -5.75 -34.53 -3.70
N ALA B 205 -4.43 -34.41 -3.64
CA ALA B 205 -3.55 -34.99 -4.69
C ALA B 205 -3.55 -36.53 -4.73
N THR B 206 -4.04 -37.16 -3.66
CA THR B 206 -4.13 -38.61 -3.63
C THR B 206 -5.27 -39.13 -4.49
N LEU B 207 -6.32 -38.32 -4.67
CA LEU B 207 -7.56 -38.77 -5.34
C LEU B 207 -8.07 -40.13 -4.82
N SER B 208 -8.05 -40.28 -3.49
CA SER B 208 -8.37 -41.53 -2.84
C SER B 208 -9.73 -41.47 -2.14
N ASN B 209 -10.38 -40.30 -2.17
CA ASN B 209 -11.72 -40.13 -1.60
C ASN B 209 -12.61 -41.32 -1.99
N LYS B 210 -13.15 -42.02 -0.99
CA LYS B 210 -13.91 -43.24 -1.27
C LYS B 210 -15.28 -42.96 -1.94
N ASP B 211 -15.71 -41.71 -1.94
CA ASP B 211 -16.91 -41.34 -2.71
C ASP B 211 -16.65 -41.16 -4.21
N ILE B 212 -15.41 -41.35 -4.64
CA ILE B 212 -15.10 -41.41 -6.08
C ILE B 212 -15.48 -42.80 -6.59
N SER B 213 -16.59 -42.87 -7.32
CA SER B 213 -17.09 -44.14 -7.78
C SER B 213 -16.46 -44.52 -9.12
N ASP B 214 -16.58 -45.80 -9.49
CA ASP B 214 -16.17 -46.27 -10.83
C ASP B 214 -16.92 -45.48 -11.90
N ALA B 215 -18.21 -45.24 -11.67
CA ALA B 215 -19.03 -44.38 -12.54
C ALA B 215 -18.40 -43.01 -12.80
N LEU B 216 -17.95 -42.31 -11.76
CA LEU B 216 -17.29 -41.01 -11.92
C LEU B 216 -15.95 -41.16 -12.63
N ILE B 217 -15.19 -42.17 -12.25
CA ILE B 217 -13.91 -42.44 -12.90
C ILE B 217 -14.12 -42.60 -14.42
N GLU B 218 -15.13 -43.36 -14.81
CA GLU B 218 -15.44 -43.57 -16.22
C GLU B 218 -15.94 -42.31 -16.95
N GLN B 219 -16.36 -41.29 -16.22
CA GLN B 219 -16.79 -40.05 -16.86
C GLN B 219 -15.66 -39.04 -17.07
N ASP B 220 -14.51 -39.27 -16.42
CA ASP B 220 -13.43 -38.30 -16.42
C ASP B 220 -12.36 -38.70 -17.42
N ALA B 221 -12.33 -38.04 -18.57
CA ALA B 221 -11.37 -38.39 -19.63
C ALA B 221 -10.12 -37.53 -19.57
N VAL B 222 -9.93 -36.84 -18.44
CA VAL B 222 -8.80 -35.93 -18.29
C VAL B 222 -7.87 -36.34 -17.14
N LEU B 223 -8.45 -36.53 -15.96
CA LEU B 223 -7.68 -36.91 -14.78
C LEU B 223 -7.40 -38.42 -14.71
N SER B 224 -6.24 -38.76 -14.15
CA SER B 224 -5.88 -40.13 -13.85
C SER B 224 -5.33 -40.13 -12.43
N GLN B 225 -5.81 -41.05 -11.58
CA GLN B 225 -5.23 -41.17 -10.24
C GLN B 225 -3.75 -41.48 -10.33
N PHE B 226 -3.39 -42.48 -11.14
CA PHE B 226 -2.00 -42.84 -11.35
C PHE B 226 -1.17 -41.63 -11.84
N GLY B 227 -1.68 -40.94 -12.87
CA GLY B 227 -0.99 -39.77 -13.42
C GLY B 227 -0.80 -38.67 -12.40
N VAL B 228 -1.87 -38.27 -11.72
CA VAL B 228 -1.76 -37.26 -10.68
C VAL B 228 -0.80 -37.69 -9.56
N ASN B 229 -0.96 -38.91 -9.05
CA ASN B 229 -0.09 -39.39 -7.96
C ASN B 229 1.38 -39.32 -8.37
N GLU B 230 1.71 -39.84 -9.54
CA GLU B 230 3.12 -39.97 -9.94
C GLU B 230 3.77 -38.61 -10.21
N ILE B 231 3.04 -37.72 -10.89
CA ILE B 231 3.56 -36.35 -11.11
C ILE B 231 3.75 -35.60 -9.79
N MSE B 232 2.74 -35.62 -8.94
CA MSE B 232 2.79 -34.91 -7.66
C MSE B 232 3.88 -35.46 -6.70
O MSE B 232 4.51 -34.68 -5.95
CB MSE B 232 1.40 -34.86 -6.99
CG MSE B 232 0.35 -34.13 -7.82
SE MSE B 232 0.76 -32.23 -8.10
CE MSE B 232 0.34 -31.62 -6.29
N LYS B 233 4.10 -36.77 -6.71
CA LYS B 233 5.20 -37.38 -5.94
C LYS B 233 6.57 -36.81 -6.35
N LYS B 234 6.76 -36.68 -7.65
CA LYS B 234 8.02 -36.16 -8.19
C LYS B 234 8.24 -34.74 -7.69
N TRP B 235 7.21 -33.91 -7.85
CA TRP B 235 7.24 -32.51 -7.45
C TRP B 235 7.40 -32.34 -5.93
N ALA B 236 6.70 -33.18 -5.16
CA ALA B 236 6.72 -33.17 -3.68
C ALA B 236 8.09 -33.51 -3.08
N ASN B 237 8.92 -34.22 -3.84
CA ASN B 237 10.33 -34.41 -3.49
C ASN B 237 10.50 -35.01 -2.08
N GLY B 238 9.65 -35.98 -1.74
CA GLY B 238 9.77 -36.72 -0.47
C GLY B 238 8.69 -36.39 0.56
N LEU B 239 7.97 -35.30 0.34
CA LEU B 239 6.84 -34.95 1.21
C LEU B 239 5.66 -35.82 0.86
N PRO B 240 4.92 -36.32 1.88
CA PRO B 240 3.75 -37.14 1.56
C PRO B 240 2.67 -36.35 0.83
N LEU B 241 1.93 -37.01 -0.07
CA LEU B 241 0.89 -36.32 -0.85
C LEU B 241 -0.24 -35.77 0.03
N THR B 242 -0.37 -36.31 1.23
CA THR B 242 -1.36 -35.84 2.20
C THR B 242 -0.94 -34.54 2.91
N ASP B 243 0.33 -34.13 2.76
CA ASP B 243 0.76 -32.83 3.33
C ASP B 243 -0.17 -31.70 2.83
N LYS B 244 -0.55 -30.82 3.75
CA LYS B 244 -1.54 -29.78 3.48
C LYS B 244 -1.03 -28.78 2.44
N ARG B 245 0.29 -28.67 2.28
CA ARG B 245 0.82 -27.80 1.22
C ARG B 245 0.56 -28.40 -0.17
N ILE B 246 0.45 -29.72 -0.23
CA ILE B 246 0.19 -30.43 -1.50
C ILE B 246 -1.32 -30.66 -1.74
N SER B 247 -2.02 -31.05 -0.67
CA SER B 247 -3.45 -31.32 -0.70
C SER B 247 -4.11 -30.33 0.26
N PRO B 248 -4.41 -29.12 -0.24
CA PRO B 248 -4.91 -28.04 0.60
C PRO B 248 -6.28 -28.29 1.27
N ILE B 249 -6.99 -29.35 0.87
CA ILE B 249 -8.18 -29.79 1.61
C ILE B 249 -7.84 -30.03 3.11
N ASN B 250 -6.58 -30.38 3.37
CA ASN B 250 -6.12 -30.64 4.75
C ASN B 250 -5.55 -29.40 5.45
N GLY B 251 -5.59 -28.24 4.77
CA GLY B 251 -4.99 -27.00 5.29
C GLY B 251 -5.95 -26.09 6.05
N THR B 252 -5.45 -24.93 6.47
CA THR B 252 -6.21 -23.95 7.22
C THR B 252 -7.43 -23.45 6.45
N ILE B 253 -8.58 -23.43 7.13
CA ILE B 253 -9.87 -22.98 6.61
C ILE B 253 -10.30 -21.66 7.27
N GLU B 254 -10.19 -21.60 8.59
CA GLU B 254 -10.61 -20.44 9.36
C GLU B 254 -9.73 -19.22 9.11
N GLY B 255 -10.36 -18.15 8.66
CA GLY B 255 -9.64 -16.92 8.37
C GLY B 255 -9.40 -16.67 6.88
N LEU B 256 -9.81 -17.61 6.03
CA LEU B 256 -9.65 -17.47 4.58
C LEU B 256 -10.47 -16.29 4.07
N PRO B 257 -10.02 -15.64 2.97
CA PRO B 257 -10.92 -14.65 2.39
C PRO B 257 -12.03 -15.43 1.62
N PRO B 258 -13.07 -14.73 1.12
CA PRO B 258 -14.14 -15.41 0.39
C PRO B 258 -13.62 -16.23 -0.78
N VAL B 259 -14.17 -17.43 -0.95
CA VAL B 259 -13.74 -18.35 -2.01
C VAL B 259 -14.88 -18.55 -3.00
N TYR B 260 -14.52 -18.59 -4.30
CA TYR B 260 -15.47 -18.79 -5.39
C TYR B 260 -14.91 -19.93 -6.18
N MSE B 261 -15.67 -21.02 -6.24
CA MSE B 261 -15.15 -22.23 -6.85
C MSE B 261 -16.03 -22.66 -8.03
O MSE B 261 -17.26 -22.56 -7.94
CB MSE B 261 -15.09 -23.33 -5.79
CG MSE B 261 -14.46 -24.62 -6.28
SE MSE B 261 -14.11 -25.86 -4.81
CE MSE B 261 -15.91 -26.00 -4.10
N PHE B 262 -15.40 -23.11 -9.10
CA PHE B 262 -16.08 -23.60 -10.28
C PHE B 262 -15.61 -25.02 -10.55
N GLY B 263 -16.54 -25.89 -10.92
CA GLY B 263 -16.16 -27.25 -11.25
C GLY B 263 -17.27 -27.97 -11.98
N GLY B 264 -16.96 -29.17 -12.45
CA GLY B 264 -17.92 -30.00 -13.17
C GLY B 264 -18.30 -31.26 -12.43
N GLY B 265 -19.44 -31.84 -12.80
CA GLY B 265 -19.90 -33.08 -12.18
C GLY B 265 -19.18 -34.29 -12.78
N ARG B 266 -18.53 -34.09 -13.91
CA ARG B 266 -17.85 -35.21 -14.59
C ARG B 266 -16.32 -35.24 -14.38
N GLU B 267 -15.85 -34.69 -13.27
CA GLU B 267 -14.43 -34.77 -12.92
C GLU B 267 -14.24 -35.42 -11.57
N MSE B 268 -13.16 -36.20 -11.43
CA MSE B 268 -12.98 -37.07 -10.26
C MSE B 268 -12.77 -36.26 -8.99
O MSE B 268 -12.82 -36.80 -7.88
CB MSE B 268 -11.77 -37.99 -10.44
CG MSE B 268 -11.89 -39.11 -11.46
SE MSE B 268 -10.08 -39.92 -11.72
CE MSE B 268 -9.92 -40.72 -9.95
N THR B 269 -12.53 -34.95 -9.15
CA THR B 269 -12.34 -34.05 -8.02
C THR B 269 -13.63 -33.63 -7.39
N HIS B 270 -14.76 -34.03 -7.97
CA HIS B 270 -16.04 -33.49 -7.51
C HIS B 270 -16.38 -33.85 -6.04
N PRO B 271 -16.21 -35.12 -5.61
CA PRO B 271 -16.42 -35.38 -4.18
C PRO B 271 -15.58 -34.49 -3.27
N ASP B 272 -14.30 -34.28 -3.60
CA ASP B 272 -13.45 -33.40 -2.79
C ASP B 272 -13.93 -31.94 -2.80
N MSE B 273 -14.38 -31.46 -3.95
CA MSE B 273 -14.94 -30.10 -4.01
C MSE B 273 -16.13 -29.93 -3.10
O MSE B 273 -16.24 -28.93 -2.37
CB MSE B 273 -15.29 -29.70 -5.44
CG MSE B 273 -14.05 -29.61 -6.33
SE MSE B 273 -14.48 -28.74 -8.02
CE MSE B 273 -15.41 -30.19 -8.91
N LYS B 274 -17.03 -30.91 -3.13
CA LYS B 274 -18.22 -30.89 -2.27
C LYS B 274 -17.83 -31.01 -0.78
N LEU B 275 -16.88 -31.89 -0.47
CA LEU B 275 -16.36 -31.99 0.91
C LEU B 275 -15.71 -30.69 1.40
N PHE B 276 -14.87 -30.10 0.58
CA PHE B 276 -14.26 -28.81 0.90
C PHE B 276 -15.32 -27.74 1.14
N GLU B 277 -16.30 -27.65 0.25
CA GLU B 277 -17.37 -26.68 0.39
C GLU B 277 -18.09 -26.87 1.74
N GLN B 278 -18.36 -28.13 2.12
CA GLN B 278 -19.10 -28.42 3.36
C GLN B 278 -18.28 -28.05 4.59
N MSE B 279 -17.01 -28.44 4.60
CA MSE B 279 -16.09 -28.07 5.67
C MSE B 279 -15.95 -26.55 5.81
O MSE B 279 -15.96 -26.04 6.92
CB MSE B 279 -14.71 -28.67 5.43
CG MSE B 279 -14.61 -30.16 5.69
SE MSE B 279 -12.84 -30.78 5.14
CE MSE B 279 -11.76 -29.45 6.06
N MSE B 280 -15.78 -25.84 4.70
CA MSE B 280 -15.74 -24.37 4.73
C MSE B 280 -17.01 -23.79 5.40
O MSE B 280 -16.91 -22.98 6.34
CB MSE B 280 -15.63 -23.81 3.31
CG MSE B 280 -14.30 -24.06 2.64
SE MSE B 280 -13.05 -22.74 3.22
CE MSE B 280 -13.60 -21.28 2.07
N LEU B 281 -18.18 -24.20 4.93
CA LEU B 281 -19.44 -23.66 5.45
C LEU B 281 -19.68 -24.03 6.91
N GLN B 282 -19.33 -25.25 7.30
CA GLN B 282 -19.34 -25.65 8.71
C GLN B 282 -18.53 -24.72 9.59
N HIS B 283 -17.44 -24.18 9.03
CA HIS B 283 -16.56 -23.29 9.75
C HIS B 283 -16.86 -21.82 9.47
N HIS B 284 -18.06 -21.54 8.97
CA HIS B 284 -18.52 -20.16 8.76
C HIS B 284 -17.65 -19.40 7.77
N GLN B 285 -17.09 -20.11 6.79
CA GLN B 285 -16.28 -19.47 5.75
C GLN B 285 -17.10 -19.33 4.48
N TYR B 286 -17.14 -18.11 3.95
CA TYR B 286 -17.86 -17.83 2.72
C TYR B 286 -17.24 -18.59 1.55
N ILE B 287 -18.07 -19.38 0.89
CA ILE B 287 -17.70 -20.03 -0.37
C ILE B 287 -18.95 -20.12 -1.27
N GLU B 288 -18.77 -19.75 -2.54
CA GLU B 288 -19.78 -20.00 -3.56
C GLU B 288 -19.22 -21.07 -4.48
N PHE B 289 -19.99 -22.12 -4.71
CA PHE B 289 -19.59 -23.18 -5.58
C PHE B 289 -20.56 -23.22 -6.76
N TYR B 290 -20.02 -22.90 -7.92
CA TYR B 290 -20.74 -22.95 -9.19
C TYR B 290 -20.44 -24.33 -9.77
N ASP B 291 -21.41 -25.22 -9.61
CA ASP B 291 -21.21 -26.64 -9.87
C ASP B 291 -21.99 -27.01 -11.13
N TYR B 292 -21.27 -27.34 -12.21
CA TYR B 292 -21.89 -27.64 -13.52
C TYR B 292 -22.00 -29.17 -13.71
N PRO B 293 -23.20 -29.75 -13.52
CA PRO B 293 -23.29 -31.21 -13.47
C PRO B 293 -22.67 -31.96 -14.66
N LYS B 294 -22.71 -31.38 -15.85
CA LYS B 294 -22.26 -32.12 -17.02
C LYS B 294 -20.88 -31.74 -17.54
N MSE B 295 -20.22 -30.82 -16.86
CA MSE B 295 -18.92 -30.31 -17.32
C MSE B 295 -17.74 -31.18 -16.89
O MSE B 295 -17.77 -31.83 -15.83
CB MSE B 295 -18.71 -28.87 -16.86
CG MSE B 295 -19.60 -27.87 -17.54
SE MSE B 295 -19.26 -27.88 -19.48
CE MSE B 295 -20.71 -29.02 -20.08
N VAL B 296 -16.68 -31.15 -17.69
CA VAL B 296 -15.48 -31.95 -17.52
C VAL B 296 -14.48 -31.18 -16.65
N HIS B 297 -13.39 -31.87 -16.27
CA HIS B 297 -12.28 -31.23 -15.56
C HIS B 297 -11.82 -29.98 -16.28
N ASP B 298 -11.70 -28.88 -15.54
CA ASP B 298 -11.07 -27.65 -16.06
C ASP B 298 -11.88 -27.04 -17.20
N PHE B 299 -13.20 -27.27 -17.21
CA PHE B 299 -14.00 -26.95 -18.41
C PHE B 299 -13.89 -25.50 -18.96
N PRO B 300 -13.64 -24.48 -18.10
CA PRO B 300 -13.52 -23.12 -18.65
C PRO B 300 -12.42 -22.87 -19.67
N ILE B 301 -11.41 -23.76 -19.75
CA ILE B 301 -10.39 -23.65 -20.80
C ILE B 301 -10.92 -23.95 -22.20
N TYR B 302 -12.04 -24.65 -22.29
CA TYR B 302 -12.63 -25.03 -23.58
C TYR B 302 -13.50 -23.92 -24.12
N PRO B 303 -13.50 -23.71 -25.47
CA PRO B 303 -14.24 -22.59 -26.03
C PRO B 303 -15.71 -22.99 -26.27
N ILE B 304 -16.46 -23.12 -25.17
CA ILE B 304 -17.85 -23.57 -25.21
C ILE B 304 -18.71 -22.59 -24.42
N ARG B 305 -20.02 -22.59 -24.66
CA ARG B 305 -20.90 -21.61 -24.00
C ARG B 305 -20.76 -21.59 -22.48
N GLN B 306 -20.58 -22.77 -21.87
CA GLN B 306 -20.54 -22.90 -20.40
C GLN B 306 -19.33 -22.17 -19.80
N SER B 307 -18.23 -22.15 -20.56
CA SER B 307 -17.02 -21.42 -20.19
CA SER B 307 -17.04 -21.42 -20.16
C SER B 307 -17.32 -19.93 -20.14
N HIS B 308 -18.03 -19.45 -21.16
CA HIS B 308 -18.43 -18.04 -21.18
C HIS B 308 -19.37 -17.71 -20.02
N LYS B 309 -20.28 -18.63 -19.71
CA LYS B 309 -21.13 -18.46 -18.52
C LYS B 309 -20.30 -18.35 -17.22
N ALA B 310 -19.31 -19.23 -17.05
CA ALA B 310 -18.45 -19.19 -15.86
C ALA B 310 -17.63 -17.90 -15.78
N ILE B 311 -17.13 -17.44 -16.91
CA ILE B 311 -16.38 -16.17 -16.97
C ILE B 311 -17.29 -15.01 -16.56
N LYS B 312 -18.51 -14.98 -17.07
CA LYS B 312 -19.50 -13.98 -16.66
C LYS B 312 -19.79 -14.03 -15.13
N GLN B 313 -19.90 -15.23 -14.57
CA GLN B 313 -20.04 -15.37 -13.13
C GLN B 313 -18.82 -14.88 -12.33
N ILE B 314 -17.63 -15.07 -12.87
CA ILE B 314 -16.43 -14.49 -12.26
C ILE B 314 -16.55 -12.96 -12.31
N ALA B 315 -16.91 -12.42 -13.48
CA ALA B 315 -17.04 -10.97 -13.66
C ALA B 315 -18.10 -10.35 -12.74
N LYS B 316 -19.23 -11.04 -12.58
CA LYS B 316 -20.31 -10.51 -11.75
C LYS B 316 -19.98 -10.56 -10.24
N SER B 317 -19.10 -11.46 -9.84
CA SER B 317 -18.81 -11.63 -8.41
C SER B 317 -17.53 -10.93 -7.91
N ILE B 318 -16.58 -10.66 -8.82
CA ILE B 318 -15.23 -10.24 -8.42
C ILE B 318 -15.16 -8.86 -7.71
N ASP B 319 -16.10 -7.98 -8.05
CA ASP B 319 -16.14 -6.64 -7.45
C ASP B 319 -17.08 -6.53 -6.24
N GLU B 320 -17.71 -7.64 -5.86
CA GLU B 320 -18.59 -7.67 -4.69
C GLU B 320 -17.83 -7.20 -3.44
N ASP B 321 -18.42 -6.24 -2.73
CA ASP B 321 -17.87 -5.76 -1.46
C ASP B 321 -17.82 -6.92 -0.45
N VAL B 322 -16.63 -7.15 0.11
CA VAL B 322 -16.41 -8.22 1.10
C VAL B 322 -16.89 -7.80 2.50
N THR B 323 -17.75 -8.63 3.12
CA THR B 323 -18.30 -8.38 4.46
C THR B 323 -17.29 -8.80 5.54
BR BR C . 22.14 15.42 18.06
CL CL D . 3.79 3.76 15.21
NA NA E . -2.60 39.78 10.43
S DMS F . 23.57 19.83 12.37
O DMS F . 24.32 21.27 13.09
C1 DMS F . 24.80 19.07 11.29
C2 DMS F . 23.50 18.58 13.68
S DMS G . 3.63 16.23 23.89
O DMS G . 4.54 16.34 25.41
C1 DMS G . 4.78 15.90 22.52
C2 DMS G . 2.71 14.68 23.90
S DMS H . -5.36 27.95 -1.01
O DMS H . -6.18 26.40 -0.67
C1 DMS H . -3.58 27.73 -0.78
C2 DMS H . -5.36 28.33 -2.79
S DMS I . 4.90 19.98 24.96
O DMS I . 4.63 21.02 23.55
C1 DMS I . 6.61 19.38 24.89
C2 DMS I . 5.01 20.97 26.46
S DMS J . -4.49 9.06 24.68
O DMS J . -5.84 8.89 23.51
C1 DMS J . -4.04 7.43 25.33
C2 DMS J . -3.01 9.44 23.72
S DMS K . 5.81 27.62 29.63
O DMS K . 4.18 28.36 29.69
C1 DMS K . 5.69 25.88 30.09
C2 DMS K . 6.37 27.49 27.92
S DMS L . 12.25 48.43 10.88
O DMS L . 11.05 47.28 10.24
C1 DMS L . 13.17 49.20 9.52
C2 DMS L . 11.38 49.89 11.50
S DMS M . -12.97 18.20 0.62
O DMS M . -13.19 18.62 2.35
C1 DMS M . -13.66 19.54 -0.41
C2 DMS M . -11.23 18.28 0.14
S DMS N . 13.06 26.68 23.71
O DMS N . 12.82 27.75 25.12
C1 DMS N . 12.34 27.36 22.21
C2 DMS N . 14.81 26.78 23.26
S DMS O . -7.32 29.20 25.68
O DMS O . -5.79 28.98 24.76
C1 DMS O . -8.40 27.77 25.41
C2 DMS O . -7.01 29.04 27.47
C1 GOL P . -13.14 29.16 14.76
O1 GOL P . -13.81 28.90 13.54
C2 GOL P . -13.91 28.59 15.94
O2 GOL P . -14.44 27.32 15.65
C3 GOL P . -15.01 29.56 16.31
O3 GOL P . -14.64 30.23 17.47
C1 GOL Q . -6.78 35.86 -8.71
O1 GOL Q . -7.59 35.46 -9.79
C2 GOL Q . -5.71 34.81 -8.46
O2 GOL Q . -5.98 34.14 -7.24
C3 GOL Q . -4.36 35.50 -8.33
O3 GOL Q . -4.14 35.84 -6.98
BR BR R . -23.63 -28.36 -17.01
CL CL S . -8.23 -43.28 -12.29
NA NA T . 5.82 -8.95 -12.73
S DMS U . -23.94 -22.84 -12.13
O DMS U . -24.44 -21.57 -13.28
C1 DMS U . -25.24 -23.00 -10.87
C2 DMS U . -24.14 -24.43 -12.96
S DMS V . -5.51 -32.34 -22.70
O DMS V . -6.40 -32.23 -24.24
C1 DMS V . -6.72 -32.24 -21.36
C2 DMS V . -5.00 -34.06 -22.49
S DMS W . 6.38 -19.43 0.41
O DMS W . 6.74 -21.17 0.45
C1 DMS W . 4.63 -19.22 0.00
C2 DMS W . 6.31 -18.78 2.11
S DMS X . -18.98 -11.80 0.97
O DMS X . -18.15 -10.85 2.24
C1 DMS X . -20.68 -11.19 0.80
C2 DMS X . -18.33 -11.34 -0.65
S DMS Y . 11.84 -20.65 -18.63
O DMS Y . 11.93 -19.26 -17.51
C1 DMS Y . 12.75 -22.04 -17.91
C2 DMS Y . 10.15 -21.33 -18.56
S DMS Z . -11.86 -19.43 -23.83
O DMS Z . -11.70 -20.12 -25.46
C1 DMS Z . -13.56 -19.62 -23.24
C2 DMS Z . -10.97 -20.51 -22.70
S DMS AA . -7.13 2.34 -14.21
O DMS AA . -5.67 1.38 -13.82
C1 DMS AA . -7.49 3.49 -12.86
C2 DMS AA . -6.73 3.56 -15.49
S DMS BA . -6.13 -28.46 -24.32
O DMS BA . -5.37 -27.43 -23.06
C1 DMS BA . -7.92 -28.46 -24.12
C2 DMS BA . -6.05 -27.64 -25.95
S DMS CA . 11.78 -30.89 -0.18
O DMS CA . 12.08 -30.52 -1.91
C1 DMS CA . 12.37 -29.51 0.84
C2 DMS CA . 10.02 -30.81 0.18
S DMS DA . 7.78 -22.48 -26.32
O DMS DA . 6.31 -22.01 -25.41
C1 DMS DA . 8.55 -23.92 -25.51
C2 DMS DA . 7.30 -23.21 -27.90
C1 GOL EA . -6.89 -28.34 -30.51
O1 GOL EA . -6.37 -28.68 -29.25
C2 GOL EA . -6.53 -26.89 -30.72
O2 GOL EA . -5.13 -26.81 -30.89
C3 GOL EA . -7.26 -26.29 -31.91
O3 GOL EA . -8.35 -25.55 -31.43
C1 GOL FA . 8.87 -11.83 7.63
O1 GOL FA . 9.88 -10.89 7.92
C2 GOL FA . 8.16 -11.46 6.34
O2 GOL FA . 7.92 -12.65 5.65
C3 GOL FA . 6.81 -10.82 6.59
O3 GOL FA . 6.93 -9.45 6.95
#